data_4BA0
#
_entry.id   4BA0
#
_cell.length_a   197.230
_cell.length_b   197.230
_cell.length_c   103.060
_cell.angle_alpha   90.00
_cell.angle_beta   90.00
_cell.angle_gamma   120.00
#
_symmetry.space_group_name_H-M   'P 6 2 2'
#
loop_
_entity.id
_entity.type
_entity.pdbx_description
1 polymer 'ALPHA-GLUCOSIDASE, PUTATIVE, ADG31B'
2 non-polymer ARGININE
3 non-polymer 5-fluoro-beta-D-glucopyranose
4 non-polymer 1,2-ETHANEDIOL
5 non-polymer 'SULFATE ION'
6 non-polymer 'TRIETHYLENE GLYCOL'
7 non-polymer DI(HYDROXYETHYL)ETHER
8 water water
#
_entity_poly.entity_id   1
_entity_poly.type   'polypeptide(L)'
_entity_poly.pdbx_seq_one_letter_code
;MFRRIAGFSPIFLMLFGSSLPTMGNPVKREIHPDAVFYKEHKLRNDGLVITTNQGNIRLQFKSEAAIEVLYRADSKQLPS
FALAQPESAIKAQLTETENHLQFSGGTLTARIQKRPFAISYYRDSELLLAEESGFQVNTDKINFRFYLSPGEKILGGGQR
ILGMDRRGQRFPLYNRAHYGYSDHSGQMYFGLPAIMSSKQYILVFDNSASGAMDIGKTESDILQLEAKSGRSAYILVAGN
SYPSLIENFTQVTGRQPLPPRWALGSFASRFGYRSEAETRATVQKYKTEDFPLDTIVLDLYWFGKDIKGHMGNLDWDKEN
FPTPLDMMADFKQQGVKTVLITEPFVLTSSKRWDDAVKAKALAKDPQGQPKAFELYFGNGGIIDVFSKEGSRWFSSIYKD
LSKQGVAGWWGDLGEPEMHPEDTQHAIGDADTVHNAYGHRWAEMLYQQQLDQFPELRPFIMMRAGFVGSQRYGMIPWTGD
VSRTWGGLASQVELALQMSLLGFGYIHSDLGGFADGETLDKEMYIRWLQYGVFQPVYRPHGQDHIPSEPVFQDEETKAIL
RPLVKLRYRMLPYIYTAAYQNTLTGMPLMRPLFFSDEKNPALIDNKTSYFWGDSLLVTPITQAGVESVSIPAPKGVWFDF
WKDTRYQTDGAPLTLPTDLHTIPVLVKAGAFMPYVPAVSTTEDYRSDSLEIHYYADASVPLAQGEIFEDDGKDPNSIKRN
QFDLLTLQATHTDNQLHFQLARTGKGYRGMPERRATTLVIHNASDQYQHLDINGKTIAIAQADCASTPALACYDQERRQL
QLVFTWGREALNLRLHK
;
_entity_poly.pdbx_strand_id   A
#
loop_
_chem_comp.id
_chem_comp.type
_chem_comp.name
_chem_comp.formula
5GF D-saccharide, beta linking 5-fluoro-beta-D-glucopyranose 'C6 H11 F O6'
EDO non-polymer 1,2-ETHANEDIOL 'C2 H6 O2'
PEG non-polymer DI(HYDROXYETHYL)ETHER 'C4 H10 O3'
PGE non-polymer 'TRIETHYLENE GLYCOL' 'C6 H14 O4'
SO4 non-polymer 'SULFATE ION' 'O4 S -2'
#
# COMPACT_ATOMS: atom_id res chain seq x y z
N ALA A 35 -0.42 -23.82 35.47
CA ALA A 35 -0.70 -22.80 36.48
C ALA A 35 0.42 -21.75 36.54
N VAL A 36 0.05 -20.49 36.32
CA VAL A 36 1.01 -19.39 36.34
C VAL A 36 0.56 -18.30 37.32
N PHE A 37 1.50 -17.77 38.08
CA PHE A 37 1.19 -16.69 39.01
C PHE A 37 2.37 -15.74 39.19
N TYR A 38 2.05 -14.51 39.60
CA TYR A 38 3.03 -13.47 39.80
C TYR A 38 3.91 -13.76 41.02
N LYS A 39 5.20 -13.44 40.91
CA LYS A 39 6.10 -13.57 42.05
C LYS A 39 6.75 -12.24 42.41
N GLU A 40 7.27 -11.53 41.41
CA GLU A 40 8.01 -10.29 41.64
C GLU A 40 8.13 -9.46 40.37
N HIS A 41 8.44 -8.16 40.52
CA HIS A 41 8.71 -7.31 39.38
C HIS A 41 9.79 -6.27 39.67
N LYS A 42 10.45 -5.81 38.60
CA LYS A 42 11.43 -4.73 38.69
C LYS A 42 11.06 -3.72 37.61
N LEU A 43 11.27 -2.43 37.89
CA LEU A 43 10.74 -1.39 37.01
C LEU A 43 11.79 -0.58 36.26
N ARG A 44 13.01 -1.10 36.15
CA ARG A 44 14.06 -0.32 35.49
C ARG A 44 14.65 -1.01 34.27
N ASN A 45 14.65 -0.34 33.11
CA ASN A 45 14.09 1.01 32.94
C ASN A 45 14.10 1.41 31.46
N ASP A 46 13.01 1.97 30.95
CA ASP A 46 11.77 2.18 31.69
C ASP A 46 10.84 1.01 31.45
N GLY A 47 11.38 -0.19 31.35
CA GLY A 47 10.58 -1.37 31.09
C GLY A 47 10.17 -2.06 32.38
N LEU A 48 9.02 -2.71 32.35
CA LEU A 48 8.57 -3.51 33.48
C LEU A 48 8.99 -4.96 33.29
N VAL A 49 9.74 -5.48 34.26
CA VAL A 49 10.16 -6.86 34.21
C VAL A 49 9.46 -7.67 35.29
N ILE A 50 8.60 -8.59 34.87
CA ILE A 50 7.81 -9.38 35.80
C ILE A 50 8.33 -10.81 35.88
N THR A 51 8.43 -11.32 37.11
CA THR A 51 8.80 -12.72 37.32
C THR A 51 7.57 -13.50 37.75
N THR A 52 7.27 -14.56 37.01
CA THR A 52 6.23 -15.49 37.42
C THR A 52 6.91 -16.78 37.83
N ASN A 53 6.14 -17.75 38.29
CA ASN A 53 6.70 -19.05 38.63
C ASN A 53 7.28 -19.74 37.39
N GLN A 54 7.02 -19.18 36.22
CA GLN A 54 7.45 -19.81 34.97
C GLN A 54 8.54 -19.05 34.21
N GLY A 55 8.88 -17.85 34.67
CA GLY A 55 9.95 -17.10 34.03
C GLY A 55 9.67 -15.60 33.95
N ASN A 56 10.48 -14.91 33.15
CA ASN A 56 10.39 -13.45 33.05
C ASN A 56 9.58 -12.95 31.87
N ILE A 57 8.87 -11.84 32.10
CA ILE A 57 8.10 -11.15 31.07
C ILE A 57 8.49 -9.67 31.06
N ARG A 58 8.85 -9.15 29.89
CA ARG A 58 9.26 -7.75 29.79
C ARG A 58 8.23 -6.93 29.05
N LEU A 59 7.76 -5.86 29.68
CA LEU A 59 6.81 -4.97 29.04
C LEU A 59 7.45 -3.61 28.79
N GLN A 60 7.35 -3.11 27.56
CA GLN A 60 7.90 -1.81 27.20
C GLN A 60 6.95 -1.06 26.29
N PHE A 61 6.63 0.18 26.65
CA PHE A 61 5.86 1.02 25.76
C PHE A 61 6.76 1.53 24.65
N LYS A 62 6.34 1.32 23.41
CA LYS A 62 7.09 1.82 22.25
C LYS A 62 6.53 3.18 21.85
N SER A 63 5.40 3.53 22.47
CA SER A 63 4.78 4.84 22.31
C SER A 63 3.68 4.92 23.37
N GLU A 64 2.95 6.03 23.39
CA GLU A 64 1.87 6.17 24.37
C GLU A 64 0.71 5.25 24.06
N ALA A 65 0.69 4.71 22.83
CA ALA A 65 -0.44 3.90 22.37
C ALA A 65 -0.08 2.46 22.04
N ALA A 66 1.18 2.08 22.26
CA ALA A 66 1.64 0.75 21.82
C ALA A 66 2.59 0.11 22.81
N ILE A 67 2.35 -1.16 23.11
CA ILE A 67 3.16 -1.86 24.09
C ILE A 67 3.70 -3.16 23.49
N GLU A 68 4.96 -3.46 23.79
CA GLU A 68 5.58 -4.73 23.42
C GLU A 68 5.65 -5.62 24.64
N VAL A 69 5.14 -6.83 24.52
CA VAL A 69 5.14 -7.80 25.60
C VAL A 69 6.00 -9.01 25.22
N LEU A 70 7.12 -9.18 25.92
CA LEU A 70 8.08 -10.22 25.61
C LEU A 70 8.09 -11.30 26.69
N TYR A 71 7.62 -12.49 26.36
CA TYR A 71 7.71 -13.62 27.27
C TYR A 71 9.07 -14.30 27.09
N ARG A 72 9.45 -15.13 28.05
CA ARG A 72 10.79 -15.72 28.08
C ARG A 72 11.86 -14.64 27.94
N ALA A 73 11.66 -13.51 28.62
CA ALA A 73 12.52 -12.35 28.43
C ALA A 73 13.92 -12.67 28.91
N ASP A 74 14.01 -13.67 29.78
CA ASP A 74 15.24 -14.19 30.34
C ASP A 74 16.18 -14.77 29.27
N SER A 75 15.61 -15.40 28.25
CA SER A 75 16.38 -16.18 27.29
C SER A 75 16.80 -15.41 26.05
N LYS A 76 17.70 -16.00 25.27
CA LYS A 76 18.11 -15.42 23.99
C LYS A 76 17.15 -15.88 22.90
N GLN A 77 16.63 -14.91 22.14
CA GLN A 77 15.75 -15.25 21.03
C GLN A 77 15.90 -14.23 19.91
N LEU A 78 15.29 -14.51 18.76
CA LEU A 78 15.36 -13.58 17.64
C LEU A 78 14.86 -12.21 18.06
N PRO A 79 15.43 -11.15 17.46
CA PRO A 79 14.97 -9.80 17.76
C PRO A 79 13.62 -9.54 17.12
N SER A 80 13.01 -8.43 17.49
CA SER A 80 11.80 -7.97 16.83
C SER A 80 12.08 -7.67 15.36
N PHE A 81 11.13 -8.02 14.50
CA PHE A 81 11.18 -7.60 13.11
C PHE A 81 10.14 -6.52 12.85
N ALA A 82 9.07 -6.54 13.63
CA ALA A 82 7.94 -5.65 13.39
C ALA A 82 8.19 -4.20 13.80
N LEU A 83 9.06 -4.00 14.79
CA LEU A 83 9.29 -2.65 15.33
C LEU A 83 10.35 -1.87 14.57
N ALA A 84 10.04 -0.62 14.26
CA ALA A 84 10.99 0.27 13.60
C ALA A 84 12.11 0.67 14.54
N GLN A 85 11.78 0.79 15.82
CA GLN A 85 12.77 1.08 16.86
C GLN A 85 12.64 0.10 18.03
N PRO A 86 13.20 -1.11 17.86
CA PRO A 86 13.04 -2.19 18.82
C PRO A 86 13.52 -1.84 20.24
N GLU A 87 14.55 -1.03 20.34
CA GLU A 87 15.17 -0.74 21.64
C GLU A 87 14.47 0.37 22.42
N SER A 88 13.59 1.12 21.77
CA SER A 88 12.94 2.24 22.45
C SER A 88 12.01 1.76 23.58
N ALA A 89 11.82 2.64 24.57
CA ALA A 89 10.92 2.38 25.69
C ALA A 89 10.60 3.71 26.37
N ILE A 90 9.39 4.21 26.14
CA ILE A 90 9.01 5.51 26.70
C ILE A 90 8.57 5.40 28.15
N LYS A 91 8.65 6.52 28.86
CA LYS A 91 8.34 6.56 30.28
C LYS A 91 6.86 6.29 30.55
N ALA A 92 6.60 5.30 31.38
CA ALA A 92 5.23 4.93 31.73
C ALA A 92 5.05 4.98 33.24
N GLN A 93 3.81 4.86 33.70
CA GLN A 93 3.57 4.86 35.14
C GLN A 93 3.16 3.47 35.62
N LEU A 94 3.74 3.06 36.75
CA LEU A 94 3.43 1.78 37.35
C LEU A 94 2.74 1.98 38.69
N THR A 95 1.63 1.28 38.90
CA THR A 95 0.91 1.32 40.16
C THR A 95 0.53 -0.09 40.60
N GLU A 96 0.55 -0.33 41.89
CA GLU A 96 0.36 -1.68 42.41
C GLU A 96 -0.79 -1.77 43.41
N THR A 97 -1.50 -2.88 43.37
CA THR A 97 -2.55 -3.18 44.33
C THR A 97 -2.43 -4.63 44.78
N GLU A 98 -3.33 -5.04 45.67
CA GLU A 98 -3.26 -6.39 46.24
C GLU A 98 -3.21 -7.47 45.17
N ASN A 99 -4.01 -7.30 44.14
CA ASN A 99 -4.18 -8.36 43.14
C ASN A 99 -3.74 -7.97 41.73
N HIS A 100 -3.33 -6.73 41.55
CA HIS A 100 -3.01 -6.23 40.21
C HIS A 100 -1.80 -5.30 40.15
N LEU A 101 -1.17 -5.26 38.98
CA LEU A 101 -0.22 -4.22 38.63
C LEU A 101 -0.83 -3.45 37.47
N GLN A 102 -0.52 -2.16 37.39
CA GLN A 102 -0.96 -1.37 36.25
C GLN A 102 0.21 -0.62 35.62
N PHE A 103 0.47 -0.92 34.35
CA PHE A 103 1.55 -0.27 33.62
C PHE A 103 0.91 0.57 32.51
N SER A 104 0.99 1.89 32.67
CA SER A 104 0.16 2.79 31.90
C SER A 104 0.96 3.82 31.13
N GLY A 105 0.68 3.93 29.84
CA GLY A 105 1.21 5.01 29.03
C GLY A 105 0.11 6.05 28.78
N GLY A 106 0.40 7.01 27.92
CA GLY A 106 -0.56 8.03 27.56
C GLY A 106 -2.01 7.54 27.50
N THR A 107 -2.30 6.68 26.52
CA THR A 107 -3.67 6.22 26.31
C THR A 107 -3.84 4.73 26.63
N LEU A 108 -2.79 3.95 26.41
CA LEU A 108 -2.87 2.50 26.60
C LEU A 108 -2.42 2.07 28.00
N THR A 109 -3.20 1.19 28.62
CA THR A 109 -2.85 0.66 29.94
C THR A 109 -2.85 -0.86 29.92
N ALA A 110 -1.83 -1.45 30.51
CA ALA A 110 -1.78 -2.90 30.69
C ALA A 110 -2.16 -3.21 32.14
N ARG A 111 -3.18 -4.04 32.31
CA ARG A 111 -3.64 -4.41 33.64
C ARG A 111 -3.21 -5.83 33.92
N ILE A 112 -2.33 -5.99 34.90
CA ILE A 112 -1.72 -7.29 35.17
C ILE A 112 -2.33 -7.93 36.42
N GLN A 113 -3.14 -8.96 36.20
CA GLN A 113 -3.73 -9.72 37.29
C GLN A 113 -2.72 -10.72 37.82
N LYS A 114 -2.52 -10.72 39.14
CA LYS A 114 -1.45 -11.52 39.75
C LYS A 114 -1.75 -13.01 39.83
N ARG A 115 -2.95 -13.38 40.26
CA ARG A 115 -3.29 -14.79 40.45
C ARG A 115 -4.73 -15.10 40.06
N PRO A 116 -4.91 -15.95 39.02
CA PRO A 116 -3.86 -16.49 38.15
C PRO A 116 -3.26 -15.38 37.32
N PHE A 117 -2.06 -15.57 36.77
CA PHE A 117 -1.43 -14.52 35.99
C PHE A 117 -2.14 -14.30 34.65
N ALA A 118 -2.53 -13.06 34.39
CA ALA A 118 -3.14 -12.71 33.11
C ALA A 118 -3.06 -11.21 32.89
N ILE A 119 -2.66 -10.82 31.67
CA ILE A 119 -2.61 -9.40 31.33
C ILE A 119 -3.77 -9.03 30.45
N SER A 120 -4.36 -7.87 30.70
CA SER A 120 -5.41 -7.36 29.84
C SER A 120 -5.10 -5.91 29.50
N TYR A 121 -5.66 -5.42 28.40
CA TYR A 121 -5.26 -4.12 27.88
C TYR A 121 -6.46 -3.20 27.74
N TYR A 122 -6.30 -1.96 28.18
CA TYR A 122 -7.38 -0.98 28.20
C TYR A 122 -6.98 0.32 27.52
N ARG A 123 -7.94 0.96 26.85
N ARG A 123 -7.92 0.92 26.82
CA ARG A 123 -7.77 2.33 26.37
CA ARG A 123 -7.79 2.31 26.39
C ARG A 123 -8.85 3.18 27.02
C ARG A 123 -8.83 3.04 27.22
N ASP A 124 -8.43 4.16 27.82
CA ASP A 124 -9.31 4.83 28.76
C ASP A 124 -9.64 3.79 29.82
N SER A 125 -10.92 3.48 29.96
CA SER A 125 -11.34 2.40 30.84
C SER A 125 -12.04 1.31 30.04
N GLU A 126 -11.82 1.31 28.73
CA GLU A 126 -12.42 0.30 27.87
C GLU A 126 -11.48 -0.88 27.65
N LEU A 127 -11.95 -2.07 27.99
CA LEU A 127 -11.18 -3.28 27.75
C LEU A 127 -11.04 -3.51 26.26
N LEU A 128 -9.80 -3.68 25.80
CA LEU A 128 -9.54 -3.94 24.39
C LEU A 128 -9.40 -5.44 24.18
N LEU A 129 -8.48 -6.02 24.92
CA LEU A 129 -8.10 -7.41 24.71
C LEU A 129 -7.62 -7.99 26.03
N ALA A 130 -8.04 -9.21 26.34
CA ALA A 130 -7.61 -9.90 27.55
C ALA A 130 -6.99 -11.25 27.23
N GLU A 131 -5.84 -11.53 27.84
CA GLU A 131 -5.27 -12.86 27.79
C GLU A 131 -6.25 -13.85 28.41
N GLU A 132 -6.33 -15.04 27.82
CA GLU A 132 -7.00 -16.16 28.48
C GLU A 132 -5.90 -16.85 29.26
N SER A 133 -5.38 -17.94 28.70
CA SER A 133 -4.23 -18.62 29.29
C SER A 133 -2.94 -17.85 28.97
N GLY A 134 -3.01 -16.96 27.98
CA GLY A 134 -1.86 -16.17 27.59
C GLY A 134 -0.75 -17.02 26.98
N PHE A 135 0.45 -16.86 27.49
CA PHE A 135 1.60 -17.58 26.96
C PHE A 135 1.73 -19.01 27.50
N GLN A 136 1.91 -19.96 26.59
CA GLN A 136 2.18 -21.35 26.96
C GLN A 136 3.37 -21.84 26.13
N VAL A 137 4.23 -22.64 26.77
CA VAL A 137 5.49 -23.09 26.16
C VAL A 137 5.45 -24.46 25.50
N ASN A 138 6.64 -24.98 25.22
CA ASN A 138 6.81 -26.24 24.50
C ASN A 138 6.30 -27.44 25.29
N LYS A 141 7.07 -25.30 21.48
CA LYS A 141 6.18 -24.49 20.65
C LYS A 141 5.72 -23.26 21.42
N ILE A 142 5.39 -22.22 20.67
CA ILE A 142 4.95 -20.95 21.25
C ILE A 142 3.45 -20.84 21.07
N ASN A 143 2.77 -20.40 22.11
CA ASN A 143 1.32 -20.34 22.08
C ASN A 143 0.79 -19.18 22.90
N PHE A 144 0.00 -18.33 22.27
CA PHE A 144 -0.68 -17.24 22.96
C PHE A 144 -2.19 -17.41 22.79
N ARG A 145 -2.92 -17.33 23.90
CA ARG A 145 -4.37 -17.46 23.88
C ARG A 145 -5.04 -16.24 24.51
N PHE A 146 -5.94 -15.60 23.77
CA PHE A 146 -6.69 -14.43 24.23
C PHE A 146 -8.18 -14.68 24.14
N TYR A 147 -8.95 -14.01 25.00
CA TYR A 147 -10.40 -13.99 24.85
C TYR A 147 -10.80 -13.07 23.70
N LEU A 148 -11.88 -13.42 23.01
CA LEU A 148 -12.51 -12.53 22.05
C LEU A 148 -13.86 -12.13 22.63
N SER A 149 -14.22 -10.86 22.48
CA SER A 149 -15.51 -10.38 22.96
C SER A 149 -16.63 -10.85 22.05
N PRO A 150 -17.84 -11.00 22.61
CA PRO A 150 -18.96 -11.32 21.72
C PRO A 150 -19.19 -10.15 20.76
N GLY A 151 -19.39 -10.46 19.48
CA GLY A 151 -19.66 -9.43 18.49
C GLY A 151 -18.41 -8.78 17.93
N GLU A 152 -17.27 -9.00 18.59
CA GLU A 152 -16.02 -8.44 18.08
C GLU A 152 -15.73 -8.98 16.67
N LYS A 153 -15.49 -8.08 15.72
CA LYS A 153 -15.13 -8.45 14.36
C LYS A 153 -13.61 -8.31 14.18
N ILE A 154 -13.01 -9.23 13.44
CA ILE A 154 -11.56 -9.29 13.35
C ILE A 154 -11.06 -9.34 11.91
N LEU A 155 -10.43 -8.26 11.46
CA LEU A 155 -9.72 -8.27 10.18
C LEU A 155 -8.28 -8.67 10.43
N GLY A 156 -7.57 -9.04 9.37
CA GLY A 156 -6.15 -9.35 9.53
C GLY A 156 -5.68 -10.64 8.89
N GLY A 157 -4.43 -11.00 9.17
CA GLY A 157 -3.81 -12.18 8.61
C GLY A 157 -3.16 -11.88 7.27
N GLY A 158 -3.33 -10.65 6.80
CA GLY A 158 -2.79 -10.24 5.51
C GLY A 158 -3.58 -10.83 4.37
N GLN A 159 -2.87 -11.32 3.35
CA GLN A 159 -3.54 -11.83 2.16
C GLN A 159 -4.22 -13.17 2.42
N ARG A 160 -5.54 -13.14 2.44
CA ARG A 160 -6.37 -14.35 2.47
C ARG A 160 -7.62 -13.94 1.71
N ILE A 161 -8.36 -14.90 1.16
CA ILE A 161 -9.65 -14.57 0.56
C ILE A 161 -10.69 -15.40 1.30
N LEU A 162 -11.24 -14.80 2.35
CA LEU A 162 -12.02 -15.52 3.36
C LEU A 162 -13.22 -14.70 3.83
N GLY A 163 -13.28 -13.45 3.40
CA GLY A 163 -14.24 -12.49 3.92
C GLY A 163 -13.50 -11.48 4.78
N MET A 164 -13.94 -10.22 4.77
CA MET A 164 -13.23 -9.16 5.49
C MET A 164 -13.05 -9.47 6.98
N ASP A 165 -14.11 -9.98 7.60
CA ASP A 165 -14.06 -10.39 9.00
C ASP A 165 -13.60 -11.84 9.05
N ARG A 166 -12.40 -12.07 9.59
CA ARG A 166 -11.78 -13.40 9.58
C ARG A 166 -12.12 -14.21 10.83
N ARG A 167 -12.95 -13.64 11.72
CA ARG A 167 -13.37 -14.42 12.88
C ARG A 167 -14.12 -15.67 12.45
N GLY A 168 -13.83 -16.79 13.09
CA GLY A 168 -14.40 -18.07 12.69
C GLY A 168 -13.47 -18.83 11.77
N GLN A 169 -12.31 -18.24 11.48
CA GLN A 169 -11.33 -18.86 10.59
C GLN A 169 -10.03 -19.22 11.31
N ARG A 170 -9.38 -20.28 10.84
CA ARG A 170 -8.04 -20.65 11.29
C ARG A 170 -7.19 -20.80 10.04
N PHE A 171 -5.96 -20.31 10.09
CA PHE A 171 -5.07 -20.42 8.94
C PHE A 171 -3.60 -20.35 9.35
N PRO A 172 -2.72 -20.89 8.50
CA PRO A 172 -1.29 -20.90 8.82
C PRO A 172 -0.64 -19.53 8.68
N LEU A 173 0.41 -19.31 9.46
CA LEU A 173 1.32 -18.19 9.23
C LEU A 173 2.56 -18.76 8.56
N TYR A 174 2.50 -18.87 7.24
CA TYR A 174 3.61 -19.39 6.47
C TYR A 174 3.46 -18.89 5.03
N ASN A 175 4.20 -17.83 4.69
CA ASN A 175 4.19 -17.28 3.34
C ASN A 175 4.36 -18.38 2.31
N ARG A 176 3.46 -18.43 1.33
CA ARG A 176 3.45 -19.54 0.40
C ARG A 176 2.73 -19.13 -0.88
N ALA A 177 3.25 -19.54 -2.02
CA ALA A 177 2.58 -19.24 -3.28
C ALA A 177 1.21 -19.89 -3.36
N HIS A 178 0.28 -19.19 -4.00
CA HIS A 178 -1.01 -19.78 -4.34
C HIS A 178 -1.29 -19.48 -5.81
N TYR A 179 -0.57 -20.19 -6.68
CA TYR A 179 -0.65 -19.95 -8.12
C TYR A 179 -2.08 -20.09 -8.64
N GLY A 180 -2.53 -19.09 -9.39
CA GLY A 180 -3.82 -19.16 -10.07
C GLY A 180 -5.04 -19.11 -9.16
N TYR A 181 -4.89 -18.48 -8.00
CA TYR A 181 -6.01 -18.38 -7.08
C TYR A 181 -7.10 -17.54 -7.73
N SER A 182 -8.32 -17.70 -7.23
CA SER A 182 -9.46 -16.96 -7.76
CA SER A 182 -9.42 -16.92 -7.76
C SER A 182 -10.24 -16.34 -6.63
N ASP A 183 -11.22 -17.10 -6.11
CA ASP A 183 -12.16 -16.57 -5.12
C ASP A 183 -12.02 -17.12 -3.71
N HIS A 184 -10.95 -17.85 -3.44
CA HIS A 184 -10.75 -18.38 -2.09
C HIS A 184 -9.29 -18.69 -1.82
N SER A 185 -8.84 -18.36 -0.61
CA SER A 185 -7.51 -18.78 -0.19
C SER A 185 -7.34 -18.56 1.30
N GLY A 186 -6.90 -19.61 2.01
CA GLY A 186 -6.54 -19.48 3.40
C GLY A 186 -5.06 -19.23 3.61
N GLN A 187 -4.29 -19.19 2.52
CA GLN A 187 -2.83 -19.12 2.61
C GLN A 187 -2.23 -18.65 1.30
N MET A 188 -1.61 -17.48 1.32
CA MET A 188 -1.02 -16.91 0.11
C MET A 188 0.38 -16.34 0.34
N TYR A 189 0.85 -15.56 -0.63
CA TYR A 189 2.23 -15.07 -0.66
C TYR A 189 2.63 -14.25 0.55
N PHE A 190 1.73 -13.40 1.01
CA PHE A 190 2.10 -12.37 1.98
C PHE A 190 1.11 -12.39 3.12
N GLY A 191 1.33 -13.29 4.07
CA GLY A 191 0.59 -13.29 5.30
C GLY A 191 1.18 -12.27 6.26
N LEU A 192 0.35 -11.79 7.18
CA LEU A 192 0.81 -10.93 8.26
C LEU A 192 0.33 -11.52 9.57
N PRO A 193 1.25 -11.66 10.55
CA PRO A 193 0.86 -12.15 11.87
C PRO A 193 0.27 -10.99 12.67
N ALA A 194 -0.82 -10.42 12.16
CA ALA A 194 -1.43 -9.27 12.80
C ALA A 194 -2.93 -9.22 12.53
N ILE A 195 -3.67 -8.66 13.48
CA ILE A 195 -5.10 -8.46 13.30
C ILE A 195 -5.51 -7.05 13.68
N MET A 196 -6.62 -6.60 13.11
CA MET A 196 -7.26 -5.35 13.49
C MET A 196 -8.67 -5.65 13.97
N SER A 197 -9.02 -5.19 15.16
CA SER A 197 -10.33 -5.47 15.73
C SER A 197 -11.30 -4.30 15.65
N SER A 198 -12.60 -4.60 15.59
CA SER A 198 -13.64 -3.57 15.64
C SER A 198 -13.58 -2.83 16.98
N LYS A 199 -12.79 -3.34 17.91
CA LYS A 199 -12.52 -2.66 19.17
C LYS A 199 -11.46 -1.56 18.98
N GLN A 200 -10.99 -1.44 17.75
CA GLN A 200 -9.98 -0.44 17.37
C GLN A 200 -8.64 -0.64 18.09
N TYR A 201 -8.15 -1.87 18.04
CA TYR A 201 -6.76 -2.15 18.39
C TYR A 201 -6.16 -3.00 17.27
N ILE A 202 -4.83 -3.02 17.23
CA ILE A 202 -4.13 -3.91 16.34
C ILE A 202 -3.23 -4.77 17.22
N LEU A 203 -3.25 -6.07 17.00
CA LEU A 203 -2.39 -7.00 17.72
C LEU A 203 -1.39 -7.61 16.74
N VAL A 204 -0.10 -7.52 17.07
CA VAL A 204 0.93 -8.13 16.23
C VAL A 204 1.63 -9.28 16.96
N PHE A 205 1.68 -10.45 16.31
CA PHE A 205 2.48 -11.57 16.79
C PHE A 205 3.88 -11.34 16.23
N ASP A 206 4.80 -10.85 17.06
CA ASP A 206 6.09 -10.41 16.55
C ASP A 206 7.04 -11.59 16.38
N ASN A 207 6.65 -12.50 15.50
CA ASN A 207 7.29 -13.79 15.37
C ASN A 207 7.40 -14.14 13.89
N SER A 208 8.56 -14.61 13.47
CA SER A 208 8.85 -14.84 12.06
C SER A 208 8.71 -16.28 11.63
N ALA A 209 8.31 -17.17 12.55
CA ALA A 209 8.40 -18.60 12.32
C ALA A 209 7.14 -19.20 11.73
N SER A 210 7.28 -20.40 11.17
CA SER A 210 6.12 -21.14 10.70
C SER A 210 5.14 -21.23 11.86
N GLY A 211 3.91 -20.78 11.65
CA GLY A 211 2.92 -20.75 12.72
C GLY A 211 1.50 -20.85 12.23
N ALA A 212 0.57 -20.32 13.02
CA ALA A 212 -0.84 -20.38 12.69
C ALA A 212 -1.62 -19.38 13.52
N MET A 213 -2.78 -18.98 13.01
CA MET A 213 -3.69 -18.12 13.74
C MET A 213 -5.09 -18.76 13.76
N ASP A 214 -5.68 -18.84 14.94
CA ASP A 214 -7.01 -19.44 15.10
C ASP A 214 -7.90 -18.36 15.68
N ILE A 215 -8.70 -17.72 14.83
CA ILE A 215 -9.50 -16.59 15.27
C ILE A 215 -10.90 -17.02 15.67
N GLY A 216 -11.02 -17.62 16.86
CA GLY A 216 -12.30 -18.06 17.36
C GLY A 216 -12.93 -19.16 16.52
N LYS A 217 -12.11 -19.98 15.88
CA LYS A 217 -12.65 -21.10 15.12
C LYS A 217 -12.83 -22.34 16.00
N THR A 218 -11.73 -22.82 16.56
CA THR A 218 -11.78 -24.05 17.36
C THR A 218 -12.59 -23.83 18.63
N GLU A 219 -12.34 -22.69 19.27
CA GLU A 219 -13.10 -22.29 20.46
C GLU A 219 -13.67 -20.91 20.20
N SER A 220 -15.01 -20.84 20.21
CA SER A 220 -15.73 -19.66 19.77
C SER A 220 -15.21 -18.33 20.34
N ASP A 221 -14.75 -18.37 21.59
CA ASP A 221 -14.36 -17.14 22.28
C ASP A 221 -12.85 -17.02 22.49
N ILE A 222 -12.07 -17.78 21.73
CA ILE A 222 -10.61 -17.76 21.87
C ILE A 222 -9.86 -17.40 20.58
N LEU A 223 -8.96 -16.43 20.70
CA LEU A 223 -7.99 -16.11 19.67
C LEU A 223 -6.67 -16.79 20.03
N GLN A 224 -6.20 -17.70 19.20
CA GLN A 224 -4.95 -18.40 19.50
C GLN A 224 -3.89 -18.10 18.45
N LEU A 225 -2.69 -17.75 18.92
CA LEU A 225 -1.52 -17.57 18.06
C LEU A 225 -0.53 -18.69 18.35
N GLU A 226 0.04 -19.28 17.31
CA GLU A 226 0.96 -20.41 17.47
C GLU A 226 2.18 -20.25 16.57
N ALA A 227 3.34 -20.72 17.05
CA ALA A 227 4.54 -20.77 16.25
C ALA A 227 5.42 -21.95 16.67
N LYS A 228 6.14 -22.53 15.71
CA LYS A 228 6.98 -23.69 15.99
C LYS A 228 8.23 -23.27 16.74
N SER A 229 8.61 -22.00 16.60
CA SER A 229 9.80 -21.45 17.24
C SER A 229 9.79 -19.93 17.10
N GLY A 230 10.96 -19.31 17.23
CA GLY A 230 11.05 -17.88 17.05
C GLY A 230 10.73 -17.08 18.29
N ARG A 231 10.58 -15.76 18.12
CA ARG A 231 10.38 -14.82 19.23
C ARG A 231 9.02 -14.96 19.90
N SER A 232 9.00 -15.04 21.23
CA SER A 232 7.73 -15.16 21.95
C SER A 232 7.25 -13.80 22.46
N ALA A 233 6.77 -12.97 21.54
CA ALA A 233 6.34 -11.62 21.88
C ALA A 233 5.13 -11.22 21.08
N TYR A 234 4.34 -10.30 21.63
CA TYR A 234 3.30 -9.66 20.85
C TYR A 234 3.29 -8.17 21.17
N ILE A 235 2.70 -7.41 20.25
CA ILE A 235 2.65 -5.95 20.37
C ILE A 235 1.19 -5.56 20.23
N LEU A 236 0.70 -4.74 21.15
CA LEU A 236 -0.67 -4.25 21.04
C LEU A 236 -0.67 -2.76 20.82
N VAL A 237 -1.40 -2.31 19.80
CA VAL A 237 -1.50 -0.89 19.48
C VAL A 237 -2.96 -0.45 19.55
N ALA A 238 -3.21 0.67 20.23
CA ALA A 238 -4.58 1.18 20.35
C ALA A 238 -4.79 2.49 19.59
N GLY A 239 -6.04 2.85 19.34
CA GLY A 239 -6.34 4.14 18.70
C GLY A 239 -7.77 4.56 19.02
N ASN A 240 -8.07 5.84 18.87
CA ASN A 240 -9.42 6.33 19.14
C ASN A 240 -10.32 6.37 17.91
N SER A 241 -9.74 6.01 16.77
CA SER A 241 -10.46 5.94 15.50
C SER A 241 -9.61 5.06 14.62
N TYR A 242 -10.14 4.60 13.50
CA TYR A 242 -9.34 3.76 12.63
C TYR A 242 -8.14 4.51 12.03
N PRO A 243 -8.35 5.77 11.61
CA PRO A 243 -7.18 6.52 11.14
C PRO A 243 -6.11 6.70 12.22
N SER A 244 -6.54 6.99 13.44
CA SER A 244 -5.59 7.18 14.55
C SER A 244 -4.90 5.87 14.90
N LEU A 245 -5.65 4.77 14.80
CA LEU A 245 -5.09 3.45 15.08
C LEU A 245 -3.96 3.16 14.09
N ILE A 246 -4.22 3.42 12.81
CA ILE A 246 -3.24 3.18 11.77
C ILE A 246 -2.04 4.12 11.88
N GLU A 247 -2.30 5.37 12.27
CA GLU A 247 -1.22 6.32 12.55
C GLU A 247 -0.32 5.82 13.70
N ASN A 248 -0.94 5.31 14.76
CA ASN A 248 -0.18 4.79 15.89
C ASN A 248 0.58 3.52 15.53
N PHE A 249 -0.05 2.69 14.70
CA PHE A 249 0.56 1.44 14.26
C PHE A 249 1.81 1.72 13.44
N THR A 250 1.69 2.60 12.45
CA THR A 250 2.83 2.89 11.58
C THR A 250 3.91 3.71 12.31
N GLN A 251 3.51 4.42 13.35
CA GLN A 251 4.49 5.15 14.16
C GLN A 251 5.52 4.16 14.73
N VAL A 252 5.05 3.00 15.17
CA VAL A 252 5.94 2.03 15.81
C VAL A 252 6.47 0.92 14.88
N THR A 253 5.75 0.61 13.80
CA THR A 253 6.23 -0.42 12.87
C THR A 253 6.97 0.17 11.67
N GLY A 254 6.76 1.46 11.42
CA GLY A 254 7.45 2.15 10.33
C GLY A 254 6.49 2.81 9.35
N ARG A 255 6.87 3.99 8.88
CA ARG A 255 6.11 4.69 7.85
C ARG A 255 6.80 4.49 6.52
N GLN A 256 6.03 4.31 5.46
CA GLN A 256 6.59 4.16 4.14
C GLN A 256 7.20 5.47 3.65
N PRO A 257 8.47 5.44 3.22
CA PRO A 257 9.02 6.66 2.61
C PRO A 257 8.25 6.97 1.32
N LEU A 258 8.08 8.23 0.99
CA LEU A 258 7.37 8.57 -0.23
C LEU A 258 8.07 7.90 -1.42
N PRO A 259 7.32 7.14 -2.23
CA PRO A 259 7.91 6.53 -3.43
C PRO A 259 8.25 7.60 -4.46
N PRO A 260 9.11 7.28 -5.44
CA PRO A 260 9.32 8.23 -6.53
C PRO A 260 7.98 8.45 -7.23
N ARG A 261 7.75 9.66 -7.71
CA ARG A 261 6.46 9.94 -8.35
C ARG A 261 6.21 8.99 -9.53
N TRP A 262 7.28 8.54 -10.18
CA TRP A 262 7.11 7.63 -11.32
C TRP A 262 6.43 6.32 -10.97
N ALA A 263 6.44 5.95 -9.70
CA ALA A 263 5.77 4.73 -9.24
C ALA A 263 4.26 4.81 -9.45
N LEU A 264 3.75 6.02 -9.62
CA LEU A 264 2.31 6.21 -9.79
C LEU A 264 1.91 6.24 -11.26
N GLY A 265 2.87 6.04 -12.15
CA GLY A 265 2.61 6.10 -13.57
C GLY A 265 2.28 4.74 -14.18
N SER A 266 2.30 4.69 -15.51
CA SER A 266 1.97 3.50 -16.29
C SER A 266 3.19 2.59 -16.44
N PHE A 267 3.03 1.31 -16.09
CA PHE A 267 4.07 0.30 -16.28
C PHE A 267 3.76 -0.58 -17.49
N ALA A 268 4.77 -0.83 -18.31
CA ALA A 268 4.68 -1.89 -19.32
C ALA A 268 5.26 -3.14 -18.70
N SER A 269 4.47 -4.21 -18.63
CA SER A 269 5.02 -5.45 -18.10
C SER A 269 4.33 -6.66 -18.71
N ARG A 270 5.06 -7.77 -18.77
CA ARG A 270 4.56 -9.10 -19.12
C ARG A 270 5.56 -10.12 -18.57
N PHE A 271 5.18 -11.39 -18.57
CA PHE A 271 6.13 -12.47 -18.33
C PHE A 271 6.24 -13.19 -19.67
N GLY A 272 7.19 -12.82 -20.52
CA GLY A 272 8.16 -11.74 -20.28
C GLY A 272 8.72 -11.26 -21.62
N TYR A 273 9.29 -10.05 -21.68
CA TYR A 273 9.93 -9.60 -22.91
C TYR A 273 11.11 -10.52 -23.20
N ARG A 274 11.19 -11.05 -24.41
CA ARG A 274 12.19 -12.08 -24.70
C ARG A 274 13.54 -11.53 -25.19
N SER A 275 13.57 -10.24 -25.52
CA SER A 275 14.76 -9.67 -26.13
C SER A 275 14.77 -8.17 -25.98
N GLU A 276 15.94 -7.58 -26.13
CA GLU A 276 16.05 -6.13 -26.23
C GLU A 276 15.17 -5.57 -27.35
N ALA A 277 15.18 -6.21 -28.51
CA ALA A 277 14.34 -5.73 -29.61
C ALA A 277 12.85 -5.71 -29.24
N GLU A 278 12.39 -6.73 -28.53
CA GLU A 278 10.99 -6.82 -28.14
C GLU A 278 10.67 -5.76 -27.10
N THR A 279 11.63 -5.52 -26.20
CA THR A 279 11.47 -4.52 -25.15
C THR A 279 11.41 -3.12 -25.79
N ARG A 280 12.33 -2.85 -26.71
CA ARG A 280 12.33 -1.59 -27.43
C ARG A 280 11.04 -1.44 -28.26
N ALA A 281 10.56 -2.54 -28.82
CA ALA A 281 9.33 -2.48 -29.64
C ALA A 281 8.12 -2.13 -28.79
N THR A 282 8.15 -2.57 -27.52
CA THR A 282 7.03 -2.30 -26.61
C THR A 282 7.02 -0.84 -26.14
N VAL A 283 8.19 -0.31 -25.79
CA VAL A 283 8.27 1.12 -25.48
C VAL A 283 7.74 1.91 -26.69
N GLN A 284 8.16 1.50 -27.89
CA GLN A 284 7.77 2.20 -29.10
C GLN A 284 6.25 2.11 -29.32
N LYS A 285 5.66 0.98 -28.99
CA LYS A 285 4.23 0.78 -29.15
C LYS A 285 3.44 1.75 -28.27
N TYR A 286 3.91 2.00 -27.06
CA TYR A 286 3.28 3.00 -26.20
C TYR A 286 3.35 4.38 -26.84
N LYS A 287 4.49 4.69 -27.46
CA LYS A 287 4.64 5.95 -28.18
C LYS A 287 3.70 6.07 -29.37
N THR A 288 3.67 5.03 -30.20
CA THR A 288 2.85 5.11 -31.41
C THR A 288 1.35 4.95 -31.14
N GLU A 289 0.99 4.32 -30.03
CA GLU A 289 -0.42 4.20 -29.66
C GLU A 289 -0.89 5.31 -28.72
N ASP A 290 0.02 6.21 -28.35
CA ASP A 290 -0.32 7.34 -27.50
C ASP A 290 -0.91 6.91 -26.15
N PHE A 291 -0.29 5.94 -25.50
CA PHE A 291 -0.55 5.64 -24.10
C PHE A 291 0.63 6.12 -23.26
N PRO A 292 0.35 6.76 -22.11
CA PRO A 292 1.44 7.14 -21.20
C PRO A 292 2.25 5.92 -20.77
N LEU A 293 3.54 6.14 -20.53
CA LEU A 293 4.42 5.08 -20.05
C LEU A 293 5.56 5.69 -19.26
N ASP A 294 5.73 5.21 -18.03
CA ASP A 294 6.85 5.65 -17.20
C ASP A 294 7.95 4.60 -17.09
N THR A 295 7.56 3.33 -17.10
CA THR A 295 8.48 2.27 -16.68
C THR A 295 8.20 0.98 -17.46
N ILE A 296 9.27 0.34 -17.94
CA ILE A 296 9.14 -1.01 -18.48
C ILE A 296 9.83 -2.00 -17.54
N VAL A 297 9.21 -3.16 -17.37
CA VAL A 297 9.66 -4.16 -16.41
C VAL A 297 10.12 -5.41 -17.13
N LEU A 298 11.33 -5.87 -16.83
CA LEU A 298 11.89 -7.04 -17.49
C LEU A 298 11.84 -8.25 -16.57
N ASP A 299 11.13 -9.28 -17.00
CA ASP A 299 11.04 -10.54 -16.28
C ASP A 299 12.28 -11.38 -16.55
N LEU A 300 12.22 -12.66 -16.21
CA LEU A 300 13.44 -13.47 -16.08
C LEU A 300 14.22 -13.75 -17.37
N TYR A 301 13.66 -13.39 -18.53
CA TYR A 301 14.41 -13.60 -19.77
C TYR A 301 15.59 -12.61 -19.92
N TRP A 302 15.66 -11.59 -19.08
CA TRP A 302 16.78 -10.64 -19.22
C TRP A 302 18.10 -11.32 -18.88
N PHE A 303 18.04 -12.41 -18.11
CA PHE A 303 19.26 -13.14 -17.74
C PHE A 303 19.38 -14.56 -18.29
N GLY A 304 18.41 -15.00 -19.10
CA GLY A 304 18.50 -16.30 -19.73
C GLY A 304 17.37 -16.60 -20.68
N LYS A 305 17.61 -17.46 -21.67
CA LYS A 305 16.61 -17.65 -22.73
C LYS A 305 15.49 -18.61 -22.34
N ASP A 306 15.69 -19.37 -21.26
CA ASP A 306 14.70 -20.32 -20.79
C ASP A 306 14.20 -19.94 -19.40
N ILE A 307 13.03 -20.43 -19.03
CA ILE A 307 12.51 -20.22 -17.70
C ILE A 307 13.36 -20.96 -16.66
N LYS A 308 13.78 -22.18 -17.01
CA LYS A 308 14.59 -22.98 -16.08
C LYS A 308 16.08 -22.86 -16.38
N GLY A 309 16.89 -22.98 -15.33
CA GLY A 309 18.31 -23.21 -15.51
C GLY A 309 19.23 -22.02 -15.42
N HIS A 310 18.69 -20.79 -15.48
CA HIS A 310 19.56 -19.61 -15.53
C HIS A 310 19.49 -18.73 -14.29
N MET A 311 18.47 -18.94 -13.47
CA MET A 311 18.27 -18.13 -12.27
C MET A 311 19.52 -18.11 -11.38
N GLY A 312 20.00 -16.90 -11.09
CA GLY A 312 21.24 -16.73 -10.35
C GLY A 312 22.30 -16.08 -11.21
N ASN A 313 22.11 -16.11 -12.54
CA ASN A 313 23.04 -15.45 -13.45
C ASN A 313 23.17 -13.96 -13.09
N LEU A 314 22.05 -13.35 -12.72
CA LEU A 314 22.02 -11.94 -12.31
C LEU A 314 22.91 -11.08 -13.22
N ASP A 315 22.78 -11.29 -14.52
CA ASP A 315 23.55 -10.55 -15.50
C ASP A 315 22.91 -10.75 -16.85
N TRP A 316 23.13 -9.82 -17.77
CA TRP A 316 22.44 -9.83 -19.05
C TRP A 316 22.72 -11.03 -19.94
N ASP A 317 21.65 -11.59 -20.49
CA ASP A 317 21.76 -12.57 -21.55
C ASP A 317 22.06 -11.84 -22.85
N LYS A 318 23.34 -11.78 -23.21
CA LYS A 318 23.80 -10.94 -24.32
C LYS A 318 23.39 -11.47 -25.70
N GLU A 319 23.04 -12.74 -25.79
CA GLU A 319 22.48 -13.26 -27.03
C GLU A 319 21.18 -12.51 -27.35
N ASN A 320 20.36 -12.27 -26.32
CA ASN A 320 19.06 -11.64 -26.57
C ASN A 320 18.94 -10.16 -26.16
N PHE A 321 19.84 -9.72 -25.28
CA PHE A 321 19.94 -8.31 -24.87
C PHE A 321 21.37 -7.84 -25.11
N PRO A 322 21.70 -7.58 -26.37
CA PRO A 322 23.09 -7.33 -26.80
C PRO A 322 23.65 -5.99 -26.34
N THR A 323 22.83 -4.96 -26.21
CA THR A 323 23.31 -3.63 -25.84
C THR A 323 22.45 -3.01 -24.74
N PRO A 324 22.48 -3.61 -23.54
CA PRO A 324 21.56 -3.20 -22.47
C PRO A 324 21.82 -1.80 -21.90
N LEU A 325 23.07 -1.34 -21.89
CA LEU A 325 23.33 0.01 -21.43
C LEU A 325 22.74 1.04 -22.39
N ASP A 326 22.92 0.83 -23.68
CA ASP A 326 22.32 1.71 -24.68
C ASP A 326 20.80 1.63 -24.58
N MET A 327 20.27 0.44 -24.39
CA MET A 327 18.82 0.27 -24.28
C MET A 327 18.27 1.10 -23.14
N MET A 328 18.87 0.97 -21.97
CA MET A 328 18.41 1.70 -20.81
C MET A 328 18.58 3.21 -20.96
N ALA A 329 19.68 3.63 -21.59
CA ALA A 329 19.92 5.06 -21.83
C ALA A 329 18.91 5.63 -22.83
N ASP A 330 18.59 4.84 -23.85
CA ASP A 330 17.62 5.26 -24.86
C ASP A 330 16.22 5.42 -24.25
N PHE A 331 15.86 4.50 -23.36
CA PHE A 331 14.60 4.61 -22.63
C PHE A 331 14.59 5.86 -21.73
N LYS A 332 15.68 6.13 -21.03
CA LYS A 332 15.74 7.31 -20.18
C LYS A 332 15.58 8.59 -20.98
N GLN A 333 16.11 8.61 -22.19
CA GLN A 333 15.92 9.75 -23.09
C GLN A 333 14.45 10.02 -23.38
N GLN A 334 13.65 8.95 -23.35
CA GLN A 334 12.20 9.07 -23.58
C GLN A 334 11.43 9.11 -22.26
N GLY A 335 12.13 9.29 -21.15
CA GLY A 335 11.49 9.39 -19.86
C GLY A 335 11.01 8.07 -19.29
N VAL A 336 11.56 6.96 -19.78
CA VAL A 336 11.13 5.62 -19.38
C VAL A 336 12.20 4.91 -18.54
N LYS A 337 11.80 4.46 -17.36
CA LYS A 337 12.69 3.76 -16.42
C LYS A 337 12.70 2.27 -16.75
N THR A 338 13.77 1.59 -16.35
CA THR A 338 13.86 0.13 -16.52
C THR A 338 13.94 -0.54 -15.15
N VAL A 339 13.10 -1.55 -14.93
CA VAL A 339 13.09 -2.31 -13.68
C VAL A 339 13.38 -3.77 -14.03
N LEU A 340 14.28 -4.41 -13.27
CA LEU A 340 14.60 -5.81 -13.50
C LEU A 340 14.14 -6.72 -12.37
N ILE A 341 13.73 -7.93 -12.75
CA ILE A 341 13.40 -8.94 -11.76
C ILE A 341 14.69 -9.60 -11.20
N THR A 342 14.62 -9.95 -9.92
CA THR A 342 15.66 -10.73 -9.25
C THR A 342 14.96 -11.69 -8.31
N GLU A 343 15.66 -12.75 -7.90
CA GLU A 343 15.08 -13.78 -7.06
C GLU A 343 16.11 -14.18 -6.00
N PRO A 344 15.66 -14.88 -4.94
CA PRO A 344 16.55 -15.30 -3.85
C PRO A 344 17.44 -16.48 -4.23
N PHE A 345 17.15 -17.13 -5.34
CA PHE A 345 17.76 -18.43 -5.65
C PHE A 345 18.91 -18.37 -6.64
N VAL A 346 19.95 -19.13 -6.35
CA VAL A 346 21.07 -19.29 -7.28
C VAL A 346 21.16 -20.76 -7.66
N LEU A 347 20.95 -21.06 -8.94
CA LEU A 347 20.96 -22.45 -9.38
C LEU A 347 22.37 -22.98 -9.56
N THR A 348 22.54 -24.28 -9.39
CA THR A 348 23.85 -24.88 -9.55
C THR A 348 24.29 -24.82 -11.01
N SER A 349 23.32 -24.65 -11.91
CA SER A 349 23.61 -24.54 -13.34
C SER A 349 23.91 -23.09 -13.75
N SER A 350 23.73 -22.15 -12.83
CA SER A 350 23.93 -20.74 -13.17
C SER A 350 25.40 -20.34 -13.08
N LYS A 351 25.76 -19.25 -13.77
CA LYS A 351 27.13 -18.78 -13.85
C LYS A 351 27.67 -18.26 -12.52
N ARG A 352 26.78 -18.04 -11.55
CA ARG A 352 27.24 -17.51 -10.27
C ARG A 352 27.31 -18.54 -9.14
N TRP A 353 27.01 -19.81 -9.44
CA TRP A 353 27.04 -20.82 -8.40
C TRP A 353 28.40 -20.92 -7.71
N ASP A 354 29.47 -21.14 -8.49
CA ASP A 354 30.79 -21.35 -7.91
C ASP A 354 31.21 -20.14 -7.06
N ASP A 355 30.92 -18.96 -7.57
CA ASP A 355 31.26 -17.73 -6.88
C ASP A 355 30.48 -17.52 -5.59
N ALA A 356 29.19 -17.83 -5.61
CA ALA A 356 28.34 -17.74 -4.42
C ALA A 356 28.81 -18.71 -3.34
N VAL A 357 29.14 -19.92 -3.74
CA VAL A 357 29.67 -20.91 -2.79
C VAL A 357 30.99 -20.39 -2.24
N LYS A 358 31.83 -19.86 -3.13
CA LYS A 358 33.15 -19.40 -2.70
C LYS A 358 32.99 -18.26 -1.69
N ALA A 359 32.05 -17.37 -1.96
CA ALA A 359 31.78 -16.22 -1.09
C ALA A 359 31.03 -16.57 0.19
N LYS A 360 30.62 -17.83 0.34
CA LYS A 360 29.76 -18.25 1.46
C LYS A 360 28.46 -17.44 1.51
N ALA A 361 27.89 -17.18 0.35
CA ALA A 361 26.71 -16.31 0.24
C ALA A 361 25.40 -17.07 0.40
N LEU A 362 25.46 -18.39 0.35
CA LEU A 362 24.25 -19.21 0.37
C LEU A 362 23.96 -19.82 1.73
N ALA A 363 22.67 -20.02 2.01
CA ALA A 363 22.26 -20.74 3.21
C ALA A 363 22.86 -22.14 3.17
N LYS A 364 23.09 -22.71 4.34
CA LYS A 364 23.81 -23.96 4.47
C LYS A 364 22.93 -25.09 5.00
N ASP A 365 23.44 -26.31 4.96
CA ASP A 365 22.81 -27.39 5.69
C ASP A 365 23.51 -27.54 7.04
N PRO A 366 22.97 -28.39 7.94
CA PRO A 366 23.56 -28.55 9.27
C PRO A 366 25.03 -28.96 9.23
N GLN A 367 25.45 -29.55 8.11
CA GLN A 367 26.84 -29.96 7.92
C GLN A 367 27.77 -28.77 7.65
N GLY A 368 27.20 -27.67 7.16
CA GLY A 368 28.00 -26.48 6.88
C GLY A 368 28.25 -26.25 5.40
N GLN A 369 27.68 -27.13 4.57
CA GLN A 369 27.79 -27.01 3.13
C GLN A 369 26.62 -26.19 2.59
N PRO A 370 26.80 -25.54 1.43
CA PRO A 370 25.67 -24.84 0.79
C PRO A 370 24.53 -25.81 0.56
N LYS A 371 23.33 -25.40 0.94
CA LYS A 371 22.15 -26.24 0.79
C LYS A 371 21.58 -26.11 -0.61
N ALA A 372 21.49 -27.21 -1.34
CA ALA A 372 20.89 -27.18 -2.66
C ALA A 372 19.65 -28.05 -2.66
N PHE A 373 18.59 -27.59 -3.33
CA PHE A 373 17.33 -28.31 -3.35
C PHE A 373 16.62 -28.08 -4.68
N GLU A 374 15.68 -28.96 -5.01
CA GLU A 374 15.06 -28.94 -6.33
C GLU A 374 13.90 -27.94 -6.44
N LEU A 375 14.16 -26.81 -7.09
CA LEU A 375 13.14 -25.82 -7.37
C LEU A 375 12.53 -26.13 -8.73
N TYR A 376 11.43 -25.49 -9.04
CA TYR A 376 10.85 -25.56 -10.38
C TYR A 376 11.91 -25.26 -11.43
N PHE A 377 12.76 -24.28 -11.15
CA PHE A 377 13.74 -23.79 -12.13
C PHE A 377 15.00 -24.65 -12.21
N GLY A 378 15.16 -25.57 -11.28
CA GLY A 378 16.32 -26.44 -11.26
C GLY A 378 16.88 -26.61 -9.86
N ASN A 379 18.01 -27.29 -9.74
CA ASN A 379 18.64 -27.50 -8.45
C ASN A 379 19.37 -26.22 -8.07
N GLY A 380 19.14 -25.71 -6.86
CA GLY A 380 19.81 -24.49 -6.45
C GLY A 380 19.72 -24.19 -4.97
N GLY A 381 20.39 -23.11 -4.57
CA GLY A 381 20.41 -22.71 -3.17
C GLY A 381 19.75 -21.35 -2.97
N ILE A 382 19.74 -20.89 -1.73
CA ILE A 382 19.12 -19.60 -1.45
C ILE A 382 20.15 -18.66 -0.85
N ILE A 383 20.16 -17.43 -1.34
CA ILE A 383 21.09 -16.42 -0.84
C ILE A 383 20.71 -16.10 0.60
N ASP A 384 21.69 -16.16 1.50
CA ASP A 384 21.37 -15.92 2.89
C ASP A 384 21.44 -14.43 3.19
N VAL A 385 20.30 -13.75 3.02
CA VAL A 385 20.24 -12.32 3.29
C VAL A 385 20.40 -11.99 4.77
N PHE A 386 20.31 -13.01 5.62
CA PHE A 386 20.50 -12.81 7.06
C PHE A 386 21.97 -12.78 7.47
N SER A 387 22.87 -13.14 6.56
CA SER A 387 24.29 -13.18 6.88
C SER A 387 25.02 -11.97 6.32
N LYS A 388 26.18 -11.67 6.88
CA LYS A 388 27.03 -10.59 6.36
C LYS A 388 27.52 -10.95 4.97
N GLU A 389 27.98 -12.19 4.80
CA GLU A 389 28.52 -12.63 3.52
C GLU A 389 27.47 -12.60 2.38
N GLY A 390 26.30 -13.16 2.64
CA GLY A 390 25.22 -13.13 1.67
C GLY A 390 24.78 -11.71 1.32
N SER A 391 24.65 -10.87 2.34
CA SER A 391 24.21 -9.50 2.11
C SER A 391 25.23 -8.73 1.27
N ARG A 392 26.51 -8.86 1.61
CA ARG A 392 27.54 -8.12 0.88
C ARG A 392 27.59 -8.59 -0.58
N TRP A 393 27.52 -9.90 -0.78
CA TRP A 393 27.58 -10.48 -2.12
C TRP A 393 26.43 -10.03 -2.99
N PHE A 394 25.21 -10.19 -2.46
CA PHE A 394 24.00 -9.84 -3.21
C PHE A 394 23.94 -8.33 -3.44
N SER A 395 24.24 -7.55 -2.41
CA SER A 395 24.24 -6.08 -2.55
C SER A 395 25.19 -5.56 -3.62
N SER A 396 26.36 -6.19 -3.74
N SER A 396 26.36 -6.18 -3.74
CA SER A 396 27.36 -5.80 -4.73
CA SER A 396 27.35 -5.77 -4.74
C SER A 396 26.83 -5.99 -6.14
C SER A 396 26.83 -5.99 -6.15
N ILE A 397 26.00 -7.01 -6.33
CA ILE A 397 25.40 -7.29 -7.63
C ILE A 397 24.35 -6.23 -7.98
N TYR A 398 23.47 -5.90 -7.04
CA TYR A 398 22.52 -4.81 -7.26
C TYR A 398 23.24 -3.50 -7.59
N LYS A 399 24.34 -3.25 -6.88
CA LYS A 399 25.08 -2.00 -7.08
C LYS A 399 25.57 -1.89 -8.52
N ASP A 400 26.16 -2.97 -9.01
CA ASP A 400 26.73 -3.00 -10.34
C ASP A 400 25.65 -2.77 -11.41
N LEU A 401 24.54 -3.50 -11.30
CA LEU A 401 23.44 -3.34 -12.26
C LEU A 401 22.81 -1.95 -12.19
N SER A 402 22.75 -1.39 -10.99
CA SER A 402 22.16 -0.06 -10.83
C SER A 402 23.06 0.98 -11.48
N LYS A 403 24.38 0.79 -11.36
CA LYS A 403 25.33 1.68 -12.00
C LYS A 403 25.11 1.68 -13.51
N GLN A 404 24.74 0.52 -14.06
CA GLN A 404 24.51 0.37 -15.50
C GLN A 404 23.27 1.11 -15.98
N GLY A 405 22.37 1.44 -15.06
CA GLY A 405 21.21 2.24 -15.44
C GLY A 405 19.85 1.74 -14.97
N VAL A 406 19.83 0.65 -14.23
CA VAL A 406 18.56 0.10 -13.70
C VAL A 406 17.99 1.07 -12.67
N ALA A 407 16.71 1.42 -12.84
CA ALA A 407 16.10 2.46 -12.02
C ALA A 407 15.37 1.91 -10.80
N GLY A 408 14.97 0.65 -10.86
CA GLY A 408 14.24 0.06 -9.75
C GLY A 408 14.26 -1.43 -9.83
N TRP A 409 13.72 -2.09 -8.81
CA TRP A 409 13.96 -3.50 -8.61
C TRP A 409 12.70 -4.26 -8.25
N TRP A 410 12.60 -5.46 -8.79
CA TRP A 410 11.46 -6.33 -8.61
C TRP A 410 12.04 -7.58 -7.97
N GLY A 411 11.58 -7.92 -6.78
CA GLY A 411 12.06 -9.10 -6.06
C GLY A 411 10.94 -10.13 -6.00
N ASP A 412 11.07 -11.19 -6.78
CA ASP A 412 10.04 -12.23 -6.86
C ASP A 412 10.44 -13.45 -6.05
N LEU A 413 9.43 -14.22 -5.61
CA LEU A 413 9.64 -15.50 -4.91
C LEU A 413 10.23 -15.39 -3.49
N GLY A 414 10.02 -14.26 -2.83
CA GLY A 414 10.58 -14.04 -1.51
C GLY A 414 9.88 -14.68 -0.31
N GLU A 415 8.96 -15.61 -0.56
CA GLU A 415 8.26 -16.28 0.53
C GLU A 415 9.15 -16.92 1.61
N PRO A 416 10.27 -17.55 1.23
CA PRO A 416 10.76 -17.91 -0.11
C PRO A 416 9.86 -19.01 -0.69
N GLU A 417 9.66 -19.01 -2.00
CA GLU A 417 8.70 -19.92 -2.63
C GLU A 417 8.95 -21.38 -2.24
N MET A 418 10.22 -21.74 -2.15
CA MET A 418 10.59 -23.07 -1.65
C MET A 418 11.66 -22.87 -0.59
N HIS A 419 11.51 -23.53 0.56
CA HIS A 419 12.35 -23.24 1.71
C HIS A 419 12.43 -24.48 2.61
N PRO A 420 13.27 -25.45 2.24
CA PRO A 420 13.34 -26.71 3.00
C PRO A 420 13.67 -26.50 4.47
N GLU A 421 13.05 -27.32 5.31
CA GLU A 421 13.12 -27.18 6.75
C GLU A 421 14.55 -27.22 7.30
N ASP A 422 15.42 -27.99 6.65
CA ASP A 422 16.77 -28.14 7.15
C ASP A 422 17.73 -27.04 6.69
N THR A 423 17.20 -26.05 5.97
CA THR A 423 18.01 -24.93 5.52
C THR A 423 18.42 -24.07 6.71
N GLN A 424 19.71 -23.75 6.81
CA GLN A 424 20.22 -22.98 7.93
C GLN A 424 20.64 -21.59 7.49
N HIS A 425 20.07 -20.57 8.12
CA HIS A 425 20.50 -19.19 7.90
C HIS A 425 21.37 -18.76 9.08
N ALA A 426 22.01 -17.61 8.93
CA ALA A 426 22.92 -17.12 9.95
C ALA A 426 22.27 -17.03 11.33
N ILE A 427 20.96 -16.72 11.35
CA ILE A 427 20.28 -16.48 12.62
C ILE A 427 19.23 -17.52 13.01
N GLY A 428 19.07 -18.56 12.20
CA GLY A 428 18.14 -19.62 12.55
C GLY A 428 17.80 -20.46 11.34
N ASP A 429 17.08 -21.56 11.55
CA ASP A 429 16.75 -22.45 10.44
C ASP A 429 15.55 -21.89 9.67
N ALA A 430 15.27 -22.50 8.53
CA ALA A 430 14.26 -22.00 7.61
C ALA A 430 12.92 -21.74 8.29
N ASP A 431 12.45 -22.73 9.05
CA ASP A 431 11.14 -22.62 9.68
C ASP A 431 11.07 -21.51 10.71
N THR A 432 12.21 -21.16 11.29
CA THR A 432 12.26 -20.09 12.28
C THR A 432 12.24 -18.68 11.67
N VAL A 433 12.92 -18.48 10.54
CA VAL A 433 13.05 -17.14 9.95
C VAL A 433 12.14 -16.92 8.73
N HIS A 434 11.41 -17.95 8.33
CA HIS A 434 10.71 -17.99 7.04
C HIS A 434 9.97 -16.69 6.69
N ASN A 435 9.09 -16.25 7.59
CA ASN A 435 8.20 -15.14 7.25
C ASN A 435 8.88 -13.78 7.33
N ALA A 436 10.17 -13.78 7.64
CA ALA A 436 10.94 -12.54 7.64
C ALA A 436 11.99 -12.50 6.53
N TYR A 437 12.09 -13.54 5.72
CA TYR A 437 13.09 -13.55 4.65
C TYR A 437 12.92 -12.36 3.70
N GLY A 438 11.75 -12.22 3.11
CA GLY A 438 11.47 -11.12 2.18
C GLY A 438 11.66 -9.75 2.82
N HIS A 439 11.30 -9.65 4.09
CA HIS A 439 11.43 -8.43 4.89
C HIS A 439 12.90 -7.99 4.96
N ARG A 440 13.78 -8.93 5.31
CA ARG A 440 15.21 -8.65 5.40
C ARG A 440 15.80 -8.40 4.01
N TRP A 441 15.31 -9.11 3.01
CA TRP A 441 15.70 -8.89 1.63
C TRP A 441 15.41 -7.42 1.22
N ALA A 442 14.21 -6.93 1.54
CA ALA A 442 13.86 -5.53 1.28
C ALA A 442 14.77 -4.56 2.04
N GLU A 443 15.03 -4.83 3.32
CA GLU A 443 15.92 -3.98 4.10
C GLU A 443 17.31 -3.88 3.45
N MET A 444 17.84 -5.03 3.07
CA MET A 444 19.18 -5.10 2.46
C MET A 444 19.22 -4.23 1.20
N LEU A 445 18.23 -4.39 0.35
CA LEU A 445 18.18 -3.71 -0.93
C LEU A 445 17.89 -2.22 -0.72
N TYR A 446 16.99 -1.92 0.20
CA TYR A 446 16.72 -0.51 0.53
C TYR A 446 17.99 0.21 1.01
N GLN A 447 18.68 -0.37 1.99
CA GLN A 447 19.92 0.21 2.49
C GLN A 447 20.93 0.38 1.37
N GLN A 448 21.03 -0.63 0.50
CA GLN A 448 21.98 -0.60 -0.62
C GLN A 448 21.68 0.57 -1.56
N GLN A 449 20.41 0.70 -1.94
CA GLN A 449 20.02 1.75 -2.86
C GLN A 449 20.22 3.14 -2.28
N LEU A 450 19.95 3.29 -0.98
CA LEU A 450 20.15 4.59 -0.34
C LEU A 450 21.63 4.94 -0.25
N ASP A 451 22.47 3.92 -0.08
CA ASP A 451 23.91 4.16 -0.03
C ASP A 451 24.46 4.54 -1.40
N GLN A 452 23.93 3.91 -2.45
CA GLN A 452 24.39 4.22 -3.80
C GLN A 452 23.85 5.55 -4.33
N PHE A 453 22.57 5.81 -4.08
CA PHE A 453 21.89 6.99 -4.62
C PHE A 453 21.14 7.68 -3.48
N PRO A 454 21.87 8.42 -2.63
CA PRO A 454 21.22 9.05 -1.48
C PRO A 454 20.22 10.13 -1.89
N GLU A 455 20.26 10.55 -3.15
CA GLU A 455 19.35 11.59 -3.62
C GLU A 455 18.15 11.05 -4.40
N LEU A 456 17.97 9.73 -4.41
CA LEU A 456 16.82 9.13 -5.08
C LEU A 456 16.03 8.24 -4.13
N ARG A 457 14.76 8.04 -4.47
CA ARG A 457 13.90 7.16 -3.68
C ARG A 457 13.88 5.76 -4.28
N PRO A 458 14.23 4.74 -3.48
CA PRO A 458 14.26 3.39 -4.04
C PRO A 458 12.88 2.91 -4.44
N PHE A 459 12.81 2.11 -5.51
CA PHE A 459 11.58 1.44 -5.91
C PHE A 459 11.84 -0.05 -5.75
N ILE A 460 11.11 -0.66 -4.82
CA ILE A 460 11.31 -2.07 -4.50
C ILE A 460 9.97 -2.79 -4.47
N MET A 461 9.72 -3.63 -5.47
CA MET A 461 8.45 -4.34 -5.56
C MET A 461 8.69 -5.80 -5.20
N MET A 462 7.97 -6.29 -4.20
CA MET A 462 8.19 -7.67 -3.71
C MET A 462 6.87 -8.34 -3.38
N ARG A 463 6.91 -9.67 -3.27
CA ARG A 463 5.72 -10.52 -3.17
C ARG A 463 5.42 -10.95 -1.72
N ALA A 464 6.43 -10.85 -0.87
CA ALA A 464 6.36 -11.40 0.48
C ALA A 464 7.18 -10.53 1.43
N GLY A 465 6.60 -10.23 2.59
CA GLY A 465 7.29 -9.43 3.58
C GLY A 465 6.79 -9.77 4.98
N PHE A 466 6.93 -8.81 5.88
CA PHE A 466 6.53 -9.02 7.26
C PHE A 466 5.92 -7.71 7.73
N VAL A 467 5.33 -7.70 8.91
CA VAL A 467 4.87 -6.45 9.50
C VAL A 467 6.06 -5.49 9.54
N GLY A 468 5.87 -4.27 9.03
CA GLY A 468 6.93 -3.28 9.04
C GLY A 468 7.73 -3.14 7.75
N SER A 469 7.53 -4.05 6.81
CA SER A 469 8.31 -4.04 5.57
C SER A 469 8.11 -2.74 4.79
N GLN A 470 6.98 -2.06 5.04
CA GLN A 470 6.73 -0.79 4.36
C GLN A 470 7.80 0.24 4.70
N ARG A 471 8.50 0.07 5.82
CA ARG A 471 9.51 1.06 6.18
C ARG A 471 10.76 0.95 5.29
N TYR A 472 10.84 -0.15 4.55
CA TYR A 472 11.91 -0.34 3.58
C TYR A 472 11.41 -0.07 2.16
N GLY A 473 10.25 0.58 2.06
CA GLY A 473 9.70 0.96 0.78
C GLY A 473 9.05 -0.17 0.01
N MET A 474 8.77 -1.29 0.65
CA MET A 474 8.22 -2.43 -0.07
C MET A 474 6.88 -2.08 -0.73
N ILE A 475 6.80 -2.33 -2.04
CA ILE A 475 5.56 -2.20 -2.79
C ILE A 475 5.11 -3.62 -3.18
N PRO A 476 4.11 -4.16 -2.48
CA PRO A 476 3.71 -5.54 -2.76
C PRO A 476 2.59 -5.67 -3.81
N TRP A 477 2.55 -6.79 -4.52
CA TRP A 477 1.43 -7.07 -5.42
C TRP A 477 0.88 -8.46 -5.06
N THR A 478 -0.36 -8.74 -5.45
CA THR A 478 -1.03 -9.91 -4.93
C THR A 478 -0.75 -11.21 -5.68
N GLY A 479 0.43 -11.33 -6.28
CA GLY A 479 0.87 -12.60 -6.84
C GLY A 479 0.18 -13.06 -8.12
N ASP A 480 0.23 -14.36 -8.36
CA ASP A 480 -0.11 -14.95 -9.66
C ASP A 480 -1.61 -15.24 -9.77
N VAL A 481 -2.40 -14.18 -9.77
CA VAL A 481 -3.85 -14.30 -9.78
C VAL A 481 -4.31 -14.91 -11.12
N SER A 482 -5.37 -15.71 -11.10
CA SER A 482 -5.90 -16.28 -12.32
C SER A 482 -6.53 -15.21 -13.21
N ARG A 483 -6.64 -15.50 -14.50
CA ARG A 483 -7.33 -14.59 -15.41
C ARG A 483 -8.84 -14.89 -15.39
N THR A 484 -9.45 -14.76 -14.22
CA THR A 484 -10.88 -15.02 -14.09
C THR A 484 -11.55 -13.86 -13.36
N TRP A 485 -12.85 -13.70 -13.57
CA TRP A 485 -13.62 -12.71 -12.81
C TRP A 485 -13.46 -12.91 -11.30
N GLY A 486 -13.38 -14.15 -10.84
CA GLY A 486 -13.12 -14.42 -9.44
C GLY A 486 -11.82 -13.83 -8.94
N GLY A 487 -10.77 -13.90 -9.75
CA GLY A 487 -9.48 -13.31 -9.40
C GLY A 487 -9.63 -11.80 -9.24
N LEU A 488 -10.38 -11.17 -10.14
CA LEU A 488 -10.59 -9.72 -10.05
C LEU A 488 -11.42 -9.38 -8.83
N ALA A 489 -12.46 -10.17 -8.59
CA ALA A 489 -13.41 -9.90 -7.53
C ALA A 489 -12.79 -9.99 -6.13
N SER A 490 -11.63 -10.62 -6.03
CA SER A 490 -10.96 -10.79 -4.75
C SER A 490 -10.00 -9.65 -4.43
N GLN A 491 -9.69 -8.83 -5.42
CA GLN A 491 -8.62 -7.82 -5.27
C GLN A 491 -8.93 -6.71 -4.25
N VAL A 492 -10.17 -6.26 -4.17
CA VAL A 492 -10.48 -5.23 -3.17
C VAL A 492 -10.28 -5.76 -1.76
N GLU A 493 -10.78 -6.97 -1.47
CA GLU A 493 -10.57 -7.57 -0.16
C GLU A 493 -9.08 -7.66 0.17
N LEU A 494 -8.29 -8.14 -0.78
CA LEU A 494 -6.84 -8.29 -0.55
C LEU A 494 -6.17 -6.93 -0.31
N ALA A 495 -6.52 -5.96 -1.13
CA ALA A 495 -5.89 -4.64 -1.04
C ALA A 495 -6.22 -3.99 0.30
N LEU A 496 -7.48 -4.08 0.71
CA LEU A 496 -7.91 -3.44 1.95
C LEU A 496 -7.26 -4.11 3.15
N GLN A 497 -7.15 -5.44 3.11
CA GLN A 497 -6.54 -6.15 4.23
C GLN A 497 -5.08 -5.76 4.40
N MET A 498 -4.36 -5.59 3.30
CA MET A 498 -2.95 -5.21 3.36
C MET A 498 -2.78 -3.73 3.67
N SER A 499 -3.72 -2.90 3.17
CA SER A 499 -3.65 -1.45 3.35
C SER A 499 -3.84 -1.08 4.81
N LEU A 500 -4.73 -1.81 5.48
CA LEU A 500 -5.06 -1.52 6.88
C LEU A 500 -3.89 -1.83 7.80
N LEU A 501 -3.03 -2.75 7.36
CA LEU A 501 -1.92 -3.18 8.18
C LEU A 501 -0.56 -2.69 7.66
N GLY A 502 -0.58 -1.53 7.02
CA GLY A 502 0.66 -0.83 6.70
C GLY A 502 1.09 -0.74 5.25
N PHE A 503 0.37 -1.37 4.33
CA PHE A 503 0.87 -1.45 2.96
C PHE A 503 0.04 -0.66 1.94
N GLY A 504 0.37 0.61 1.79
CA GLY A 504 -0.42 1.50 0.94
C GLY A 504 -0.37 1.22 -0.54
N TYR A 505 0.70 0.55 -1.01
CA TYR A 505 0.88 0.39 -2.44
C TYR A 505 0.60 -1.01 -2.95
N ILE A 506 -0.09 -1.79 -2.12
CA ILE A 506 -0.58 -3.11 -2.51
C ILE A 506 -1.38 -2.96 -3.80
N HIS A 507 -1.19 -3.87 -4.75
CA HIS A 507 -1.92 -3.78 -6.01
C HIS A 507 -1.96 -5.14 -6.69
N SER A 508 -2.62 -5.24 -7.84
CA SER A 508 -2.69 -6.51 -8.54
C SER A 508 -2.07 -6.45 -9.93
N ASP A 509 -1.73 -7.62 -10.48
CA ASP A 509 -1.36 -7.74 -11.87
C ASP A 509 -2.60 -7.39 -12.68
N LEU A 510 -2.66 -6.18 -13.22
CA LEU A 510 -3.89 -5.77 -13.88
C LEU A 510 -4.20 -6.63 -15.12
N GLY A 511 -5.46 -7.07 -15.20
CA GLY A 511 -5.90 -7.91 -16.31
C GLY A 511 -5.78 -9.39 -15.98
N GLY A 512 -5.07 -9.69 -14.91
CA GLY A 512 -4.88 -11.09 -14.52
C GLY A 512 -3.59 -11.68 -15.08
N PHE A 513 -3.05 -12.66 -14.36
CA PHE A 513 -1.73 -13.20 -14.67
C PHE A 513 -1.71 -14.61 -15.22
N ALA A 514 -2.40 -15.52 -14.54
CA ALA A 514 -2.19 -16.96 -14.72
C ALA A 514 -3.10 -17.62 -15.76
N ASP A 515 -2.49 -18.46 -16.59
CA ASP A 515 -3.19 -19.35 -17.50
C ASP A 515 -4.09 -18.60 -18.48
N GLY A 516 -5.24 -19.17 -18.81
CA GLY A 516 -6.08 -18.60 -19.86
C GLY A 516 -5.55 -19.05 -21.21
N GLU A 517 -6.41 -19.07 -22.22
CA GLU A 517 -5.96 -19.42 -23.56
C GLU A 517 -6.27 -18.32 -24.57
N THR A 518 -7.27 -17.53 -24.28
CA THR A 518 -7.56 -16.36 -25.09
C THR A 518 -8.04 -15.23 -24.18
N LEU A 519 -7.78 -13.98 -24.57
CA LEU A 519 -8.15 -12.83 -23.74
C LEU A 519 -9.65 -12.83 -23.41
N ASP A 520 -9.99 -12.62 -22.15
CA ASP A 520 -11.39 -12.37 -21.78
C ASP A 520 -11.52 -10.85 -21.80
N LYS A 521 -11.97 -10.34 -22.93
CA LYS A 521 -11.91 -8.90 -23.19
C LYS A 521 -12.67 -8.07 -22.15
N GLU A 522 -13.90 -8.45 -21.83
CA GLU A 522 -14.69 -7.69 -20.87
C GLU A 522 -14.04 -7.67 -19.47
N MET A 523 -13.51 -8.82 -19.06
CA MET A 523 -12.83 -8.91 -17.78
C MET A 523 -11.59 -8.01 -17.76
N TYR A 524 -10.82 -8.09 -18.83
CA TYR A 524 -9.59 -7.31 -18.95
C TYR A 524 -9.88 -5.82 -18.84
N ILE A 525 -10.91 -5.37 -19.56
CA ILE A 525 -11.29 -3.96 -19.52
C ILE A 525 -11.68 -3.55 -18.10
N ARG A 526 -12.59 -4.31 -17.48
CA ARG A 526 -12.98 -4.02 -16.11
C ARG A 526 -11.77 -3.96 -15.15
N TRP A 527 -10.82 -4.87 -15.33
CA TRP A 527 -9.67 -4.93 -14.44
C TRP A 527 -8.79 -3.68 -14.61
N LEU A 528 -8.56 -3.26 -15.85
CA LEU A 528 -7.74 -2.07 -16.09
C LEU A 528 -8.45 -0.76 -15.77
N GLN A 529 -9.79 -0.79 -15.76
CA GLN A 529 -10.55 0.37 -15.28
C GLN A 529 -10.41 0.52 -13.76
N TYR A 530 -10.61 -0.56 -13.04
CA TYR A 530 -10.38 -0.61 -11.62
C TYR A 530 -8.94 -0.17 -11.34
N GLY A 531 -8.03 -0.59 -12.20
CA GLY A 531 -6.62 -0.29 -12.04
C GLY A 531 -6.33 1.19 -11.85
N VAL A 532 -7.12 2.03 -12.50
CA VAL A 532 -6.90 3.48 -12.42
C VAL A 532 -7.06 3.97 -10.99
N PHE A 533 -7.89 3.27 -10.23
CA PHE A 533 -8.27 3.68 -8.88
C PHE A 533 -7.72 2.74 -7.80
N GLN A 534 -6.53 2.21 -8.06
CA GLN A 534 -5.83 1.45 -7.04
C GLN A 534 -4.32 1.77 -7.18
N PRO A 535 -3.51 1.36 -6.20
CA PRO A 535 -2.24 2.09 -6.01
C PRO A 535 -1.20 2.08 -7.13
N VAL A 536 -1.02 0.97 -7.84
CA VAL A 536 0.04 0.93 -8.84
C VAL A 536 -0.50 0.41 -10.16
N TYR A 537 -0.24 1.16 -11.23
CA TYR A 537 -0.84 0.84 -12.53
C TYR A 537 0.07 -0.09 -13.35
N ARG A 538 -0.03 -1.38 -13.06
CA ARG A 538 0.89 -2.37 -13.64
C ARG A 538 0.14 -3.59 -14.17
N PRO A 539 -0.35 -3.50 -15.42
CA PRO A 539 -0.85 -4.70 -16.09
C PRO A 539 0.30 -5.68 -16.28
N HIS A 540 0.06 -6.95 -16.02
CA HIS A 540 1.11 -7.96 -16.08
C HIS A 540 0.48 -9.34 -16.20
N GLY A 541 1.01 -10.18 -17.09
CA GLY A 541 0.46 -11.52 -17.27
C GLY A 541 1.38 -12.40 -18.09
N GLN A 542 1.12 -13.71 -18.08
CA GLN A 542 1.91 -14.64 -18.88
C GLN A 542 1.72 -14.30 -20.36
N ASP A 543 2.81 -14.30 -21.12
CA ASP A 543 2.81 -13.63 -22.42
C ASP A 543 2.13 -14.34 -23.59
N HIS A 544 1.46 -15.46 -23.34
CA HIS A 544 0.66 -16.06 -24.40
C HIS A 544 -0.61 -15.24 -24.65
N ILE A 545 -0.92 -14.34 -23.72
CA ILE A 545 -2.01 -13.37 -23.89
C ILE A 545 -1.45 -11.99 -23.50
N PRO A 546 -1.59 -10.98 -24.36
CA PRO A 546 -0.92 -9.70 -24.04
C PRO A 546 -1.49 -9.07 -22.77
N SER A 547 -0.61 -8.57 -21.89
CA SER A 547 -1.08 -7.86 -20.71
C SER A 547 -1.11 -6.33 -20.89
N GLU A 548 -0.27 -5.80 -21.78
CA GLU A 548 -0.19 -4.35 -21.97
C GLU A 548 -1.39 -3.82 -22.75
N PRO A 549 -1.95 -2.68 -22.33
CA PRO A 549 -3.14 -2.15 -23.01
C PRO A 549 -2.89 -1.71 -24.47
N VAL A 550 -1.63 -1.43 -24.82
CA VAL A 550 -1.29 -1.01 -26.18
C VAL A 550 -1.39 -2.15 -27.19
N PHE A 551 -1.42 -3.39 -26.70
CA PHE A 551 -1.54 -4.54 -27.59
C PHE A 551 -2.98 -5.07 -27.67
N GLN A 552 -3.95 -4.21 -27.41
CA GLN A 552 -5.34 -4.66 -27.38
C GLN A 552 -6.06 -4.19 -28.63
N ASP A 553 -7.32 -4.62 -28.83
CA ASP A 553 -8.04 -4.22 -30.03
C ASP A 553 -8.51 -2.77 -29.95
N GLU A 554 -9.02 -2.26 -31.06
CA GLU A 554 -9.35 -0.85 -31.15
C GLU A 554 -10.36 -0.38 -30.11
N GLU A 555 -11.41 -1.16 -29.90
CA GLU A 555 -12.42 -0.82 -28.90
C GLU A 555 -11.84 -0.77 -27.49
N THR A 556 -11.01 -1.75 -27.17
CA THR A 556 -10.35 -1.80 -25.86
C THR A 556 -9.47 -0.57 -25.64
N LYS A 557 -8.67 -0.24 -26.65
CA LYS A 557 -7.80 0.94 -26.54
C LYS A 557 -8.60 2.23 -26.48
N ALA A 558 -9.70 2.29 -27.23
CA ALA A 558 -10.52 3.50 -27.22
C ALA A 558 -11.11 3.73 -25.85
N ILE A 559 -11.38 2.64 -25.14
CA ILE A 559 -11.89 2.73 -23.77
C ILE A 559 -10.78 3.05 -22.76
N LEU A 560 -9.65 2.36 -22.87
CA LEU A 560 -8.62 2.48 -21.83
C LEU A 560 -7.70 3.69 -21.98
N ARG A 561 -7.46 4.15 -23.20
CA ARG A 561 -6.52 5.25 -23.40
C ARG A 561 -6.91 6.50 -22.59
N PRO A 562 -8.15 6.98 -22.72
CA PRO A 562 -8.49 8.15 -21.91
C PRO A 562 -8.47 7.88 -20.40
N LEU A 563 -8.65 6.63 -19.99
CA LEU A 563 -8.52 6.26 -18.58
C LEU A 563 -7.06 6.23 -18.07
N VAL A 564 -6.15 5.73 -18.88
CA VAL A 564 -4.76 5.76 -18.47
C VAL A 564 -4.34 7.24 -18.46
N LYS A 565 -4.83 8.03 -19.41
CA LYS A 565 -4.52 9.46 -19.36
C LYS A 565 -5.12 10.11 -18.12
N LEU A 566 -6.32 9.70 -17.73
CA LEU A 566 -6.95 10.22 -16.51
C LEU A 566 -6.07 9.97 -15.28
N ARG A 567 -5.53 8.76 -15.19
CA ARG A 567 -4.58 8.42 -14.13
C ARG A 567 -3.50 9.50 -14.02
N TYR A 568 -2.96 9.90 -15.16
CA TYR A 568 -1.89 10.89 -15.17
C TYR A 568 -2.42 12.29 -14.83
N ARG A 569 -3.61 12.62 -15.34
CA ARG A 569 -4.21 13.91 -15.05
C ARG A 569 -4.49 14.06 -13.54
N MET A 570 -4.82 12.94 -12.90
CA MET A 570 -5.11 12.90 -11.47
C MET A 570 -3.87 12.74 -10.58
N LEU A 571 -2.68 12.80 -11.16
CA LEU A 571 -1.49 12.68 -10.32
C LEU A 571 -1.48 13.60 -9.07
N PRO A 572 -1.95 14.86 -9.18
CA PRO A 572 -1.95 15.65 -7.94
C PRO A 572 -2.82 15.04 -6.85
N TYR A 573 -3.95 14.42 -7.22
CA TYR A 573 -4.79 13.73 -6.24
C TYR A 573 -4.10 12.50 -5.65
N ILE A 574 -3.51 11.68 -6.51
CA ILE A 574 -2.91 10.44 -6.04
C ILE A 574 -1.64 10.71 -5.23
N TYR A 575 -0.80 11.59 -5.74
CA TYR A 575 0.46 11.91 -5.10
C TYR A 575 0.22 12.58 -3.74
N THR A 576 -0.88 13.31 -3.62
CA THR A 576 -1.23 13.90 -2.32
C THR A 576 -1.66 12.82 -1.31
N ALA A 577 -2.42 11.83 -1.77
CA ALA A 577 -2.77 10.69 -0.92
C ALA A 577 -1.51 9.93 -0.49
N ALA A 578 -0.54 9.86 -1.39
CA ALA A 578 0.73 9.18 -1.09
C ALA A 578 1.46 9.94 0.01
N TYR A 579 1.52 11.26 -0.14
CA TYR A 579 2.07 12.13 0.88
C TYR A 579 1.43 11.88 2.23
N GLN A 580 0.09 11.81 2.28
CA GLN A 580 -0.60 11.53 3.54
C GLN A 580 -0.26 10.13 4.07
N ASN A 581 -0.04 9.19 3.17
CA ASN A 581 0.35 7.84 3.60
C ASN A 581 1.73 7.86 4.26
N THR A 582 2.64 8.65 3.70
CA THR A 582 3.96 8.75 4.30
C THR A 582 3.90 9.47 5.65
N LEU A 583 3.02 10.47 5.75
CA LEU A 583 2.87 11.22 7.00
C LEU A 583 2.21 10.43 8.14
N THR A 584 1.17 9.66 7.81
CA THR A 584 0.29 9.12 8.85
C THR A 584 -0.07 7.66 8.67
N GLY A 585 0.41 7.04 7.61
CA GLY A 585 0.08 5.65 7.33
C GLY A 585 -1.29 5.49 6.70
N MET A 586 -2.01 6.61 6.54
CA MET A 586 -3.34 6.54 5.94
C MET A 586 -3.25 5.86 4.57
N PRO A 587 -3.96 4.73 4.40
CA PRO A 587 -3.85 4.01 3.13
C PRO A 587 -4.50 4.79 1.99
N LEU A 588 -4.06 4.54 0.76
CA LEU A 588 -4.65 5.18 -0.41
C LEU A 588 -6.06 4.63 -0.67
N MET A 589 -6.21 3.32 -0.52
CA MET A 589 -7.53 2.70 -0.55
C MET A 589 -8.04 2.54 0.88
N ARG A 590 -9.25 3.01 1.14
CA ARG A 590 -9.81 2.92 2.47
C ARG A 590 -11.12 2.15 2.40
N PRO A 591 -11.40 1.34 3.42
CA PRO A 591 -12.64 0.55 3.39
C PRO A 591 -13.87 1.41 3.65
N LEU A 592 -15.02 0.90 3.24
CA LEU A 592 -16.27 1.61 3.46
C LEU A 592 -16.49 1.84 4.94
N PHE A 593 -16.04 0.91 5.78
CA PHE A 593 -16.32 1.02 7.21
C PHE A 593 -15.72 2.26 7.90
N PHE A 594 -14.75 2.91 7.26
CA PHE A 594 -14.21 4.17 7.78
C PHE A 594 -15.31 5.24 7.83
N SER A 595 -16.33 5.08 7.01
CA SER A 595 -17.38 6.11 6.87
C SER A 595 -18.32 6.18 8.07
N ASP A 596 -18.35 5.12 8.86
CA ASP A 596 -19.18 5.09 10.06
C ASP A 596 -18.61 4.07 11.03
N GLU A 597 -17.81 4.53 11.97
CA GLU A 597 -17.11 3.63 12.87
C GLU A 597 -18.04 2.99 13.91
N LYS A 598 -19.26 3.49 14.00
CA LYS A 598 -20.24 2.94 14.94
C LYS A 598 -21.15 1.90 14.28
N ASN A 599 -20.90 1.62 13.01
CA ASN A 599 -21.66 0.61 12.27
C ASN A 599 -20.74 -0.53 11.86
N PRO A 600 -20.56 -1.51 12.76
CA PRO A 600 -19.60 -2.60 12.50
C PRO A 600 -20.00 -3.48 11.32
N ALA A 601 -21.29 -3.53 11.01
CA ALA A 601 -21.77 -4.28 9.85
C ALA A 601 -21.06 -3.85 8.56
N LEU A 602 -20.60 -2.61 8.50
CA LEU A 602 -19.92 -2.13 7.29
C LEU A 602 -18.60 -2.85 7.07
N ILE A 603 -18.04 -3.42 8.13
CA ILE A 603 -16.76 -4.12 8.01
C ILE A 603 -16.78 -5.22 6.96
N ASP A 604 -17.94 -5.85 6.77
CA ASP A 604 -18.06 -6.93 5.80
C ASP A 604 -17.92 -6.50 4.33
N ASN A 605 -18.10 -5.21 4.06
CA ASN A 605 -18.09 -4.76 2.67
C ASN A 605 -16.72 -4.87 2.00
N LYS A 606 -16.66 -5.59 0.88
CA LYS A 606 -15.43 -5.71 0.10
C LYS A 606 -15.69 -5.44 -1.39
N THR A 607 -16.73 -4.64 -1.67
CA THR A 607 -17.12 -4.36 -3.04
C THR A 607 -17.08 -2.86 -3.40
N SER A 608 -17.11 -1.99 -2.39
CA SER A 608 -16.95 -0.52 -2.59
C SER A 608 -15.86 -0.02 -1.65
N TYR A 609 -15.05 0.93 -2.08
CA TYR A 609 -13.99 1.43 -1.21
C TYR A 609 -13.73 2.88 -1.57
N PHE A 610 -13.02 3.58 -0.71
CA PHE A 610 -12.61 4.96 -1.00
C PHE A 610 -11.23 5.01 -1.63
N TRP A 611 -11.13 5.74 -2.75
CA TRP A 611 -9.84 6.03 -3.36
C TRP A 611 -9.53 7.47 -2.96
N GLY A 612 -8.58 7.64 -2.04
CA GLY A 612 -8.36 8.92 -1.40
C GLY A 612 -9.58 9.31 -0.58
N ASP A 613 -9.68 10.59 -0.20
CA ASP A 613 -10.76 11.04 0.66
C ASP A 613 -12.11 11.13 -0.04
N SER A 614 -12.10 11.34 -1.35
CA SER A 614 -13.28 11.89 -2.02
C SER A 614 -14.03 11.01 -2.99
N LEU A 615 -13.45 9.87 -3.39
CA LEU A 615 -14.07 9.03 -4.39
C LEU A 615 -14.45 7.68 -3.81
N LEU A 616 -15.71 7.34 -3.99
CA LEU A 616 -16.24 6.03 -3.60
C LEU A 616 -16.33 5.20 -4.87
N VAL A 617 -15.51 4.16 -4.94
CA VAL A 617 -15.37 3.37 -6.15
C VAL A 617 -16.02 2.00 -5.97
N THR A 618 -16.77 1.54 -6.98
CA THR A 618 -17.39 0.21 -6.93
C THR A 618 -17.03 -0.55 -8.20
N PRO A 619 -15.91 -1.30 -8.17
CA PRO A 619 -15.49 -2.03 -9.36
C PRO A 619 -16.56 -3.00 -9.83
N ILE A 620 -16.65 -3.18 -11.14
CA ILE A 620 -17.54 -4.18 -11.70
C ILE A 620 -16.75 -5.47 -11.79
N THR A 621 -17.24 -6.52 -11.14
CA THR A 621 -16.49 -7.77 -11.03
C THR A 621 -17.20 -9.02 -11.54
N GLN A 622 -18.21 -8.82 -12.39
CA GLN A 622 -18.86 -9.92 -13.11
C GLN A 622 -19.18 -9.45 -14.51
N ALA A 623 -19.29 -10.38 -15.45
CA ALA A 623 -19.66 -10.04 -16.82
C ALA A 623 -21.13 -9.62 -16.90
N GLY A 624 -21.42 -8.71 -17.82
CA GLY A 624 -22.79 -8.36 -18.18
C GLY A 624 -23.63 -7.61 -17.15
N VAL A 625 -23.01 -7.18 -16.05
CA VAL A 625 -23.71 -6.41 -15.03
C VAL A 625 -24.32 -5.15 -15.63
N GLU A 626 -25.62 -4.95 -15.46
CA GLU A 626 -26.33 -3.81 -16.07
C GLU A 626 -26.53 -2.63 -15.13
N SER A 627 -26.44 -2.87 -13.82
CA SER A 627 -26.59 -1.81 -12.85
C SER A 627 -25.97 -2.25 -11.52
N VAL A 628 -25.72 -1.29 -10.64
CA VAL A 628 -25.15 -1.61 -9.33
C VAL A 628 -25.85 -0.84 -8.21
N SER A 629 -25.90 -1.47 -7.04
CA SER A 629 -26.42 -0.83 -5.84
C SER A 629 -25.25 -0.38 -5.00
N ILE A 630 -25.09 0.94 -4.85
CA ILE A 630 -23.94 1.49 -4.13
C ILE A 630 -24.33 1.92 -2.73
N PRO A 631 -23.71 1.32 -1.71
CA PRO A 631 -24.05 1.62 -0.33
C PRO A 631 -23.37 2.91 0.12
N ALA A 632 -23.68 4.00 -0.57
CA ALA A 632 -23.05 5.28 -0.27
C ALA A 632 -23.42 5.75 1.14
N PRO A 633 -22.44 6.27 1.88
CA PRO A 633 -22.77 6.83 3.19
C PRO A 633 -23.76 7.98 3.06
N LYS A 634 -24.56 8.17 4.11
CA LYS A 634 -25.51 9.27 4.21
C LYS A 634 -24.85 10.58 3.78
N GLY A 635 -25.50 11.32 2.89
CA GLY A 635 -24.96 12.60 2.44
C GLY A 635 -25.22 12.86 0.97
N VAL A 636 -24.48 13.81 0.41
CA VAL A 636 -24.63 14.15 -1.00
C VAL A 636 -23.46 13.64 -1.84
N TRP A 637 -23.77 13.05 -2.98
CA TRP A 637 -22.78 12.40 -3.83
C TRP A 637 -23.01 12.77 -5.29
N PHE A 638 -21.94 12.84 -6.08
CA PHE A 638 -22.07 13.13 -7.50
C PHE A 638 -21.48 12.01 -8.35
N ASP A 639 -22.14 11.72 -9.47
CA ASP A 639 -21.61 10.79 -10.46
C ASP A 639 -20.34 11.39 -11.06
N PHE A 640 -19.21 10.71 -10.88
CA PHE A 640 -17.91 11.23 -11.30
C PHE A 640 -17.90 11.49 -12.81
N TRP A 641 -18.56 10.62 -13.56
CA TRP A 641 -18.55 10.70 -15.02
C TRP A 641 -19.62 11.62 -15.59
N LYS A 642 -20.78 11.69 -14.93
CA LYS A 642 -21.93 12.37 -15.52
C LYS A 642 -22.38 13.63 -14.79
N ASP A 643 -21.79 13.86 -13.60
CA ASP A 643 -22.08 15.03 -12.78
C ASP A 643 -23.43 15.01 -12.06
N THR A 644 -24.19 13.92 -12.25
CA THR A 644 -25.49 13.77 -11.60
C THR A 644 -25.38 13.87 -10.09
N ARG A 645 -26.30 14.62 -9.48
CA ARG A 645 -26.30 14.79 -8.03
C ARG A 645 -27.25 13.81 -7.38
N TYR A 646 -26.77 13.09 -6.37
CA TYR A 646 -27.59 12.18 -5.60
C TYR A 646 -27.54 12.61 -4.15
N GLN A 647 -28.64 12.42 -3.44
CA GLN A 647 -28.65 12.70 -2.02
C GLN A 647 -29.26 11.48 -1.36
N THR A 648 -28.71 11.06 -0.24
CA THR A 648 -29.21 9.86 0.43
C THR A 648 -29.18 9.98 1.94
N ASP A 649 -30.23 9.47 2.58
CA ASP A 649 -30.29 9.45 4.03
C ASP A 649 -29.83 8.10 4.58
N GLY A 650 -29.30 7.26 3.71
CA GLY A 650 -28.84 5.94 4.13
C GLY A 650 -29.11 4.83 3.14
N ALA A 651 -30.20 4.95 2.39
CA ALA A 651 -30.54 3.94 1.38
C ALA A 651 -29.51 3.92 0.26
N PRO A 652 -29.17 2.72 -0.25
CA PRO A 652 -28.18 2.62 -1.32
C PRO A 652 -28.62 3.32 -2.62
N LEU A 653 -27.66 3.68 -3.46
CA LEU A 653 -27.94 4.34 -4.73
C LEU A 653 -27.83 3.33 -5.87
N THR A 654 -28.80 3.33 -6.78
CA THR A 654 -28.70 2.43 -7.92
C THR A 654 -28.22 3.19 -9.14
N LEU A 655 -27.08 2.76 -9.69
CA LEU A 655 -26.56 3.36 -10.90
C LEU A 655 -26.45 2.36 -12.02
N PRO A 656 -26.79 2.77 -13.25
CA PRO A 656 -26.63 1.90 -14.41
C PRO A 656 -25.15 1.83 -14.76
N THR A 657 -24.73 0.72 -15.36
CA THR A 657 -23.33 0.55 -15.76
C THR A 657 -23.18 0.77 -17.25
N ASP A 658 -21.94 1.01 -17.67
CA ASP A 658 -21.62 1.04 -19.10
C ASP A 658 -20.25 0.41 -19.28
N LEU A 659 -19.86 0.10 -20.51
CA LEU A 659 -18.60 -0.59 -20.72
C LEU A 659 -17.39 0.34 -20.62
N HIS A 660 -17.61 1.65 -20.79
CA HIS A 660 -16.46 2.56 -20.84
C HIS A 660 -16.01 3.10 -19.49
N THR A 661 -16.79 2.90 -18.44
CA THR A 661 -16.42 3.33 -17.10
C THR A 661 -16.82 2.30 -16.06
N ILE A 662 -16.36 2.49 -14.83
CA ILE A 662 -16.93 1.78 -13.67
C ILE A 662 -17.48 2.84 -12.73
N PRO A 663 -18.47 2.47 -11.90
CA PRO A 663 -19.18 3.46 -11.08
C PRO A 663 -18.32 4.10 -9.99
N VAL A 664 -18.23 5.42 -10.03
CA VAL A 664 -17.43 6.21 -9.12
C VAL A 664 -18.27 7.40 -8.68
N LEU A 665 -18.37 7.62 -7.37
CA LEU A 665 -19.12 8.77 -6.85
C LEU A 665 -18.16 9.72 -6.16
N VAL A 666 -18.40 11.02 -6.32
CA VAL A 666 -17.62 12.05 -5.66
C VAL A 666 -18.40 12.62 -4.48
N LYS A 667 -17.75 12.69 -3.33
CA LYS A 667 -18.33 13.25 -2.13
C LYS A 667 -18.51 14.76 -2.27
N ALA A 668 -19.68 15.26 -1.89
CA ALA A 668 -19.87 16.71 -1.84
C ALA A 668 -18.79 17.34 -0.96
N GLY A 669 -18.25 18.48 -1.42
CA GLY A 669 -17.22 19.17 -0.67
C GLY A 669 -15.82 18.79 -1.13
N ALA A 670 -15.74 17.86 -2.08
CA ALA A 670 -14.46 17.43 -2.63
C ALA A 670 -13.79 18.52 -3.49
N PHE A 671 -12.48 18.67 -3.35
CA PHE A 671 -11.69 19.40 -4.33
C PHE A 671 -10.90 18.36 -5.14
N MET A 672 -11.20 18.23 -6.43
CA MET A 672 -10.51 17.25 -7.27
C MET A 672 -9.54 18.00 -8.19
N PRO A 673 -8.24 17.82 -7.96
CA PRO A 673 -7.23 18.57 -8.72
C PRO A 673 -6.70 17.77 -9.91
N TYR A 674 -6.47 18.45 -11.02
CA TYR A 674 -5.93 17.83 -12.22
C TYR A 674 -4.85 18.68 -12.87
N VAL A 675 -3.90 18.01 -13.53
CA VAL A 675 -2.98 18.68 -14.42
C VAL A 675 -3.15 18.08 -15.81
N PRO A 676 -2.60 18.75 -16.83
CA PRO A 676 -2.68 18.20 -18.18
C PRO A 676 -1.94 16.86 -18.25
N ALA A 677 -2.47 15.95 -19.07
CA ALA A 677 -1.85 14.62 -19.22
C ALA A 677 -0.46 14.78 -19.85
N VAL A 678 0.50 14.01 -19.37
CA VAL A 678 1.82 13.94 -19.99
C VAL A 678 2.07 12.47 -20.32
N SER A 679 3.11 12.20 -21.12
CA SER A 679 3.42 10.81 -21.51
C SER A 679 4.22 10.10 -20.44
N THR A 680 4.92 10.87 -19.62
CA THR A 680 5.77 10.28 -18.57
C THR A 680 5.86 11.30 -17.45
N THR A 681 5.96 10.82 -16.21
CA THR A 681 6.05 11.74 -15.07
C THR A 681 7.34 12.57 -15.11
N GLU A 682 8.30 12.18 -15.95
CA GLU A 682 9.53 12.98 -16.08
C GLU A 682 9.19 14.36 -16.65
N ASP A 683 8.05 14.42 -17.34
CA ASP A 683 7.58 15.66 -17.95
C ASP A 683 6.53 16.36 -17.10
N TYR A 684 6.29 15.86 -15.89
CA TYR A 684 5.22 16.40 -15.04
C TYR A 684 5.40 17.89 -14.75
N ARG A 685 4.33 18.67 -14.96
CA ARG A 685 4.33 20.09 -14.60
C ARG A 685 2.97 20.49 -14.03
N SER A 686 2.96 21.42 -13.08
CA SER A 686 1.67 21.91 -12.59
C SER A 686 1.54 23.41 -12.82
N ASP A 687 2.22 23.91 -13.84
CA ASP A 687 2.05 25.31 -14.26
C ASP A 687 0.58 25.60 -14.57
N SER A 688 -0.13 24.56 -14.99
CA SER A 688 -1.56 24.64 -15.29
C SER A 688 -2.32 23.71 -14.36
N LEU A 689 -3.21 24.27 -13.55
CA LEU A 689 -4.03 23.43 -12.65
C LEU A 689 -5.49 23.59 -13.00
N GLU A 690 -6.22 22.49 -12.92
CA GLU A 690 -7.66 22.54 -13.05
C GLU A 690 -8.23 21.85 -11.82
N ILE A 691 -9.06 22.57 -11.08
CA ILE A 691 -9.59 22.04 -9.84
C ILE A 691 -11.11 22.04 -9.85
N HIS A 692 -11.71 20.90 -9.55
CA HIS A 692 -13.16 20.78 -9.53
C HIS A 692 -13.66 20.71 -8.10
N TYR A 693 -14.51 21.66 -7.72
CA TYR A 693 -15.11 21.67 -6.38
C TYR A 693 -16.57 21.27 -6.46
N TYR A 694 -16.96 20.29 -5.65
CA TYR A 694 -18.34 19.79 -5.68
C TYR A 694 -19.18 20.43 -4.57
N ALA A 695 -19.84 21.54 -4.92
CA ALA A 695 -20.53 22.36 -3.93
C ALA A 695 -21.89 21.79 -3.54
N ASP A 696 -22.20 21.86 -2.26
CA ASP A 696 -23.55 21.59 -1.77
C ASP A 696 -23.73 22.23 -0.41
N ALA A 697 -24.87 22.86 -0.18
CA ALA A 697 -25.10 23.59 1.08
C ALA A 697 -24.97 22.67 2.30
N SER A 698 -25.13 21.38 2.08
CA SER A 698 -25.02 20.41 3.16
C SER A 698 -23.58 20.32 3.68
N VAL A 699 -22.65 20.91 2.94
CA VAL A 699 -21.25 20.95 3.37
C VAL A 699 -20.80 22.40 3.50
N PRO A 700 -20.97 22.99 4.69
CA PRO A 700 -20.70 24.41 4.89
C PRO A 700 -19.21 24.73 5.00
N LEU A 701 -18.40 23.70 5.19
CA LEU A 701 -16.96 23.86 5.31
C LEU A 701 -16.24 22.69 4.66
N ALA A 702 -15.33 22.97 3.75
CA ALA A 702 -14.58 21.89 3.11
C ALA A 702 -13.12 22.27 2.92
N GLN A 703 -12.25 21.27 2.91
CA GLN A 703 -10.83 21.53 2.75
C GLN A 703 -10.20 20.56 1.76
N GLY A 704 -9.23 21.06 1.01
CA GLY A 704 -8.46 20.23 0.11
C GLY A 704 -7.00 20.63 0.22
N GLU A 705 -6.11 19.72 -0.16
CA GLU A 705 -4.70 20.09 -0.27
C GLU A 705 -4.11 19.40 -1.51
N ILE A 706 -3.03 19.99 -2.02
CA ILE A 706 -2.25 19.41 -3.11
C ILE A 706 -0.78 19.49 -2.72
N PHE A 707 -0.14 18.33 -2.58
CA PHE A 707 1.27 18.27 -2.24
C PHE A 707 2.12 18.24 -3.50
N GLU A 708 3.02 19.20 -3.66
CA GLU A 708 3.94 19.22 -4.79
C GLU A 708 5.39 19.29 -4.33
N ASP A 709 6.23 18.41 -4.87
CA ASP A 709 7.68 18.53 -4.69
C ASP A 709 8.34 18.14 -5.99
N ASP A 710 9.65 17.88 -5.98
CA ASP A 710 10.32 17.56 -7.24
C ASP A 710 10.08 16.13 -7.73
N GLY A 711 9.26 15.37 -7.01
CA GLY A 711 8.90 14.02 -7.39
C GLY A 711 9.99 12.99 -7.18
N LYS A 712 11.15 13.40 -6.65
CA LYS A 712 12.28 12.48 -6.56
C LYS A 712 13.15 12.54 -5.30
N ASP A 713 13.14 13.66 -4.59
CA ASP A 713 14.01 13.84 -3.41
C ASP A 713 13.51 13.05 -2.20
N PRO A 714 14.31 12.07 -1.72
CA PRO A 714 13.84 11.29 -0.57
C PRO A 714 13.74 12.13 0.70
N ASN A 715 14.35 13.31 0.71
CA ASN A 715 14.37 14.17 1.88
C ASN A 715 13.44 15.38 1.77
N SER A 716 12.60 15.40 0.74
CA SER A 716 11.78 16.60 0.50
C SER A 716 10.88 16.92 1.69
N ILE A 717 10.23 15.90 2.25
CA ILE A 717 9.31 16.14 3.36
C ILE A 717 10.03 16.57 4.65
N LYS A 718 11.09 15.86 5.00
CA LYS A 718 11.87 16.16 6.19
C LYS A 718 12.44 17.59 6.16
N ARG A 719 12.91 18.01 4.98
CA ARG A 719 13.54 19.31 4.83
C ARG A 719 12.56 20.42 4.41
N ASN A 720 11.28 20.08 4.27
CA ASN A 720 10.25 21.04 3.84
C ASN A 720 10.51 21.62 2.45
N GLN A 721 11.14 20.83 1.59
CA GLN A 721 11.39 21.25 0.21
C GLN A 721 10.19 20.84 -0.62
N PHE A 722 9.06 21.47 -0.33
CA PHE A 722 7.84 21.18 -1.07
C PHE A 722 6.94 22.41 -1.11
N ASP A 723 5.90 22.31 -1.94
CA ASP A 723 4.93 23.37 -2.12
C ASP A 723 3.59 22.72 -1.78
N LEU A 724 3.05 23.07 -0.62
CA LEU A 724 1.80 22.48 -0.16
C LEU A 724 0.66 23.47 -0.37
N LEU A 725 -0.20 23.18 -1.35
CA LEU A 725 -1.30 24.07 -1.68
C LEU A 725 -2.50 23.68 -0.85
N THR A 726 -3.16 24.67 -0.25
CA THR A 726 -4.35 24.41 0.54
C THR A 726 -5.53 25.18 -0.01
N LEU A 727 -6.69 24.55 0.06
CA LEU A 727 -7.94 25.16 -0.40
C LEU A 727 -8.99 24.97 0.67
N GLN A 728 -9.69 26.05 0.99
CA GLN A 728 -10.77 25.96 1.95
C GLN A 728 -12.03 26.60 1.38
N ALA A 729 -13.14 25.88 1.43
CA ALA A 729 -14.41 26.44 0.98
C ALA A 729 -15.33 26.69 2.18
N THR A 730 -15.98 27.84 2.17
CA THR A 730 -16.99 28.16 3.16
C THR A 730 -18.30 28.46 2.42
N HIS A 731 -19.32 27.66 2.67
CA HIS A 731 -20.53 27.67 1.86
C HIS A 731 -21.71 28.02 2.76
N THR A 732 -22.23 29.23 2.63
CA THR A 732 -23.38 29.65 3.41
C THR A 732 -24.58 29.90 2.51
N ASP A 733 -25.67 30.40 3.08
CA ASP A 733 -26.90 30.61 2.32
C ASP A 733 -26.69 31.56 1.15
N ASN A 734 -25.90 32.59 1.36
CA ASN A 734 -25.76 33.64 0.35
C ASN A 734 -24.34 33.84 -0.17
N GLN A 735 -23.40 32.99 0.26
CA GLN A 735 -22.02 33.16 -0.19
C GLN A 735 -21.28 31.84 -0.30
N LEU A 736 -20.33 31.79 -1.23
CA LEU A 736 -19.39 30.68 -1.33
C LEU A 736 -18.02 31.30 -1.44
N HIS A 737 -17.16 31.01 -0.48
CA HIS A 737 -15.89 31.71 -0.35
C HIS A 737 -14.77 30.69 -0.39
N PHE A 738 -13.71 30.94 -1.16
CA PHE A 738 -12.57 30.04 -1.18
C PHE A 738 -11.34 30.76 -0.71
N GLN A 739 -10.62 30.14 0.20
CA GLN A 739 -9.35 30.69 0.65
C GLN A 739 -8.24 29.76 0.17
N LEU A 740 -7.32 30.29 -0.62
CA LEU A 740 -6.21 29.52 -1.16
C LEU A 740 -4.88 30.00 -0.58
N ALA A 741 -3.98 29.06 -0.29
CA ALA A 741 -2.69 29.41 0.29
C ALA A 741 -1.63 28.37 -0.07
N ARG A 742 -0.37 28.73 0.12
CA ARG A 742 0.72 27.78 -0.10
C ARG A 742 1.70 27.85 1.07
N THR A 743 2.17 26.69 1.51
CA THR A 743 3.24 26.65 2.50
C THR A 743 4.39 25.77 2.03
N GLY A 744 5.44 25.69 2.84
CA GLY A 744 6.61 24.91 2.50
C GLY A 744 7.65 25.82 1.90
N LYS A 745 8.88 25.34 1.78
CA LYS A 745 10.00 26.17 1.32
C LYS A 745 10.13 26.14 -0.19
N GLY A 746 9.26 25.39 -0.85
CA GLY A 746 9.34 25.24 -2.29
C GLY A 746 10.48 24.32 -2.67
N TYR A 747 10.74 24.21 -3.97
CA TYR A 747 11.76 23.31 -4.47
C TYR A 747 12.21 23.81 -5.83
N ARG A 748 13.31 23.26 -6.33
CA ARG A 748 13.89 23.70 -7.58
C ARG A 748 12.93 23.41 -8.74
N GLY A 749 12.58 24.45 -9.48
CA GLY A 749 11.70 24.30 -10.62
C GLY A 749 10.22 24.51 -10.30
N MET A 750 9.91 24.78 -9.04
CA MET A 750 8.54 25.01 -8.62
C MET A 750 7.98 26.25 -9.35
N PRO A 751 6.76 26.14 -9.91
CA PRO A 751 6.23 27.36 -10.54
C PRO A 751 5.84 28.44 -9.52
N GLU A 752 6.27 29.69 -9.75
CA GLU A 752 5.86 30.77 -8.87
C GLU A 752 4.36 31.05 -8.99
N ARG A 753 3.85 31.03 -10.22
CA ARG A 753 2.45 31.34 -10.46
C ARG A 753 1.83 30.22 -11.29
N ARG A 754 0.72 29.66 -10.80
CA ARG A 754 0.03 28.61 -11.56
C ARG A 754 -1.26 29.15 -12.15
N ALA A 755 -1.44 28.96 -13.45
CA ALA A 755 -2.72 29.28 -14.07
C ALA A 755 -3.72 28.25 -13.57
N THR A 756 -4.82 28.73 -13.00
CA THR A 756 -5.76 27.85 -12.32
C THR A 756 -7.17 28.04 -12.86
N THR A 757 -7.82 26.92 -13.17
CA THR A 757 -9.22 26.94 -13.54
C THR A 757 -9.96 26.20 -12.44
N LEU A 758 -10.83 26.92 -11.74
CA LEU A 758 -11.63 26.30 -10.70
C LEU A 758 -13.05 26.10 -11.22
N VAL A 759 -13.49 24.85 -11.31
CA VAL A 759 -14.83 24.55 -11.78
C VAL A 759 -15.71 24.15 -10.62
N ILE A 760 -16.75 24.94 -10.35
CA ILE A 760 -17.62 24.66 -9.23
C ILE A 760 -18.87 23.94 -9.73
N HIS A 761 -18.98 22.65 -9.39
CA HIS A 761 -20.13 21.85 -9.75
C HIS A 761 -21.29 22.12 -8.81
N ASN A 762 -22.51 22.03 -9.34
CA ASN A 762 -23.73 22.26 -8.57
C ASN A 762 -23.76 23.67 -7.98
N ALA A 763 -23.15 24.61 -8.71
CA ALA A 763 -23.13 26.01 -8.31
C ALA A 763 -24.51 26.62 -8.41
N SER A 764 -24.85 27.46 -7.43
CA SER A 764 -26.10 28.22 -7.46
C SER A 764 -26.18 29.08 -8.71
N ASP A 765 -27.38 29.23 -9.27
CA ASP A 765 -27.56 30.14 -10.39
C ASP A 765 -27.84 31.56 -9.90
N GLN A 766 -27.67 31.78 -8.61
CA GLN A 766 -27.99 33.06 -7.98
C GLN A 766 -26.78 33.94 -7.63
N TYR A 767 -25.56 33.46 -7.87
CA TYR A 767 -24.39 34.32 -7.62
C TYR A 767 -24.33 35.47 -8.62
N GLN A 768 -24.27 36.69 -8.10
CA GLN A 768 -24.28 37.88 -8.95
C GLN A 768 -22.89 38.46 -9.15
N HIS A 769 -22.00 38.25 -8.19
CA HIS A 769 -20.66 38.78 -8.37
C HIS A 769 -19.59 37.97 -7.68
N LEU A 770 -18.36 38.21 -8.12
CA LEU A 770 -17.18 37.56 -7.59
C LEU A 770 -16.25 38.67 -7.11
N ASP A 771 -15.68 38.49 -5.93
CA ASP A 771 -14.57 39.34 -5.50
C ASP A 771 -13.32 38.46 -5.46
N ILE A 772 -12.26 38.87 -6.14
CA ILE A 772 -10.97 38.21 -5.98
C ILE A 772 -10.04 39.15 -5.24
N ASN A 773 -9.69 38.80 -4.02
CA ASN A 773 -8.91 39.68 -3.15
C ASN A 773 -9.47 41.11 -3.15
N GLY A 774 -10.79 41.22 -3.11
CA GLY A 774 -11.44 42.52 -3.01
C GLY A 774 -11.83 43.19 -4.31
N LYS A 775 -11.21 42.77 -5.41
CA LYS A 775 -11.54 43.28 -6.73
C LYS A 775 -12.78 42.56 -7.28
N THR A 776 -13.84 43.33 -7.54
CA THR A 776 -15.10 42.79 -8.06
C THR A 776 -15.02 42.46 -9.54
N ILE A 777 -15.55 41.29 -9.90
CA ILE A 777 -15.54 40.82 -11.28
C ILE A 777 -16.94 40.30 -11.61
N ALA A 778 -17.51 40.76 -12.73
CA ALA A 778 -18.82 40.27 -13.15
C ALA A 778 -18.79 38.79 -13.55
N ILE A 779 -19.86 38.07 -13.24
CA ILE A 779 -19.96 36.66 -13.65
C ILE A 779 -20.77 36.61 -14.95
N ALA A 780 -20.13 36.16 -16.02
CA ALA A 780 -20.83 36.03 -17.31
C ALA A 780 -21.82 34.88 -17.23
N GLN A 781 -22.93 34.99 -17.95
CA GLN A 781 -24.02 34.00 -17.83
C GLN A 781 -24.27 33.32 -19.16
N ALA A 782 -23.27 33.36 -20.04
CA ALA A 782 -23.37 32.75 -21.36
C ALA A 782 -21.99 32.59 -21.98
N ASP A 783 -21.89 31.67 -22.94
CA ASP A 783 -20.69 31.55 -23.76
C ASP A 783 -19.45 31.20 -22.94
N CYS A 784 -19.64 30.47 -21.85
CA CYS A 784 -18.54 30.14 -20.98
CA CYS A 784 -18.53 30.12 -20.97
C CYS A 784 -17.45 29.34 -21.70
N ALA A 785 -17.86 28.45 -22.59
CA ALA A 785 -16.91 27.61 -23.31
C ALA A 785 -16.24 28.35 -24.48
N SER A 786 -16.80 29.49 -24.86
CA SER A 786 -16.41 30.15 -26.11
C SER A 786 -15.82 31.55 -25.93
N THR A 787 -15.46 31.91 -24.70
CA THR A 787 -14.80 33.18 -24.45
C THR A 787 -13.72 32.96 -23.40
N PRO A 788 -12.67 33.80 -23.42
CA PRO A 788 -11.66 33.71 -22.35
C PRO A 788 -12.17 34.34 -21.04
N ALA A 789 -13.35 33.92 -20.61
CA ALA A 789 -14.02 34.50 -19.45
C ALA A 789 -13.23 34.25 -18.16
N LEU A 790 -13.24 35.22 -17.26
CA LEU A 790 -12.56 35.03 -15.99
C LEU A 790 -13.54 34.42 -14.98
N ALA A 791 -14.82 34.72 -15.14
CA ALA A 791 -15.85 34.07 -14.33
C ALA A 791 -17.09 33.88 -15.18
N CYS A 792 -17.56 32.65 -15.28
CA CYS A 792 -18.74 32.40 -16.11
CA CYS A 792 -18.73 32.40 -16.11
C CYS A 792 -19.56 31.24 -15.56
N TYR A 793 -20.88 31.38 -15.67
CA TYR A 793 -21.78 30.34 -15.18
C TYR A 793 -22.43 29.68 -16.38
N ASP A 794 -22.40 28.36 -16.40
CA ASP A 794 -22.97 27.54 -17.46
C ASP A 794 -24.30 27.01 -16.92
N GLN A 795 -25.41 27.59 -17.36
CA GLN A 795 -26.70 27.26 -16.80
C GLN A 795 -27.14 25.83 -17.11
N GLU A 796 -26.71 25.31 -18.26
CA GLU A 796 -27.10 23.96 -18.66
C GLU A 796 -26.38 22.89 -17.83
N ARG A 797 -25.17 23.20 -17.37
CA ARG A 797 -24.38 22.23 -16.60
C ARG A 797 -24.36 22.52 -15.10
N ARG A 798 -24.90 23.67 -14.71
CA ARG A 798 -24.84 24.13 -13.31
C ARG A 798 -23.39 24.16 -12.84
N GLN A 799 -22.51 24.69 -13.69
CA GLN A 799 -21.10 24.83 -13.36
C GLN A 799 -20.70 26.28 -13.45
N LEU A 800 -19.94 26.71 -12.46
CA LEU A 800 -19.42 28.07 -12.44
C LEU A 800 -17.90 27.98 -12.53
N GLN A 801 -17.34 28.57 -13.58
CA GLN A 801 -15.91 28.46 -13.83
C GLN A 801 -15.18 29.77 -13.51
N LEU A 802 -14.14 29.68 -12.69
CA LEU A 802 -13.30 30.83 -12.40
C LEU A 802 -11.90 30.56 -12.92
N VAL A 803 -11.32 31.52 -13.63
CA VAL A 803 -9.97 31.34 -14.14
C VAL A 803 -9.09 32.48 -13.58
N PHE A 804 -7.96 32.12 -13.00
CA PHE A 804 -7.15 33.11 -12.31
C PHE A 804 -5.70 32.64 -12.19
N THR A 805 -4.87 33.49 -11.59
CA THR A 805 -3.45 33.17 -11.38
C THR A 805 -3.24 32.91 -9.90
N TRP A 806 -2.70 31.73 -9.56
CA TRP A 806 -2.47 31.38 -8.17
C TRP A 806 -0.97 31.52 -7.90
N GLY A 807 -0.59 32.65 -7.30
CA GLY A 807 0.79 32.94 -7.00
C GLY A 807 1.14 32.54 -5.58
N ARG A 808 2.18 33.15 -5.02
CA ARG A 808 2.64 32.69 -3.70
C ARG A 808 1.86 33.27 -2.52
N GLU A 809 1.22 34.42 -2.72
CA GLU A 809 0.42 35.05 -1.67
C GLU A 809 -0.97 34.47 -1.58
N ALA A 810 -1.56 34.55 -0.39
CA ALA A 810 -2.89 34.02 -0.16
C ALA A 810 -3.88 34.68 -1.12
N LEU A 811 -4.92 33.94 -1.46
CA LEU A 811 -5.87 34.36 -2.46
C LEU A 811 -7.24 34.05 -1.89
N ASN A 812 -8.14 35.04 -1.95
CA ASN A 812 -9.51 34.85 -1.51
C ASN A 812 -10.48 35.11 -2.66
N LEU A 813 -11.36 34.15 -2.89
CA LEU A 813 -12.37 34.26 -3.94
C LEU A 813 -13.74 34.17 -3.29
N ARG A 814 -14.55 35.20 -3.46
CA ARG A 814 -15.84 35.27 -2.81
C ARG A 814 -16.95 35.46 -3.82
N LEU A 815 -17.89 34.52 -3.83
CA LEU A 815 -19.06 34.59 -4.69
C LEU A 815 -20.24 34.99 -3.80
N HIS A 816 -21.03 35.95 -4.26
CA HIS A 816 -22.11 36.45 -3.44
C HIS A 816 -23.41 36.60 -4.25
N LYS A 817 -24.52 36.25 -3.61
CA LYS A 817 -25.82 36.35 -4.27
C LYS A 817 -26.33 37.79 -4.22
N ARG B . -4.47 -27.92 -5.48
CA ARG B . -3.43 -26.93 -5.22
C ARG B . -2.07 -27.58 -5.02
O ARG B . -1.09 -27.27 -5.71
CB ARG B . -3.79 -26.08 -3.99
CG ARG B . -2.74 -25.05 -3.62
CD ARG B . -3.18 -24.14 -2.48
NE ARG B . -2.11 -23.22 -2.09
CZ ARG B . -2.22 -22.29 -1.15
NH1 ARG B . -3.37 -22.13 -0.49
NH2 ARG B . -1.17 -21.51 -0.87
OXT ARG B . -1.90 -28.44 -4.15
O5 5GF C . 7.37 -15.31 -11.07
C1 5GF C . 7.15 -14.39 -9.99
F 5GF C . 6.06 -15.71 -12.84
C2 5GF C . 5.95 -13.43 -10.12
O2 5GF C . 4.87 -13.82 -9.25
C3 5GF C . 5.44 -13.29 -11.54
O3 5GF C . 4.85 -11.98 -11.72
C4 5GF C . 6.60 -13.47 -12.49
O4 5GF C . 6.22 -13.11 -13.81
C6 5GF C . 8.25 -15.18 -13.32
O6 5GF C . 9.38 -14.41 -12.90
C5 5GF C . 7.05 -14.93 -12.42
C1 EDO D . 14.60 -18.38 18.27
O1 EDO D . 14.06 -17.13 18.73
C2 EDO D . 13.73 -19.53 18.78
O2 EDO D . 13.91 -20.69 17.96
S SO4 E . -21.49 22.59 -26.32
O1 SO4 E . -21.78 22.03 -24.99
O2 SO4 E . -21.59 21.54 -27.32
O3 SO4 E . -22.48 23.64 -26.62
O4 SO4 E . -20.16 23.17 -26.31
S SO4 F . -7.93 10.89 -25.25
O1 SO4 F . -8.13 11.41 -23.91
O2 SO4 F . -7.54 9.48 -25.18
O3 SO4 F . -9.17 11.00 -26.01
O4 SO4 F . -6.88 11.65 -25.93
S SO4 G . 26.12 -1.69 -24.06
O1 SO4 G . 27.17 -0.84 -23.51
O2 SO4 G . 25.68 -2.62 -23.03
O3 SO4 G . 24.99 -0.86 -24.51
O4 SO4 G . 26.63 -2.43 -25.21
S SO4 H . 15.49 -8.15 22.60
O1 SO4 H . 16.27 -8.10 23.85
O2 SO4 H . 15.09 -9.54 22.35
O3 SO4 H . 14.32 -7.30 22.76
O4 SO4 H . 16.32 -7.69 21.49
S SO4 I . -24.83 34.37 4.68
O1 SO4 I . -23.83 34.40 5.75
O2 SO4 I . -25.83 33.34 4.93
O3 SO4 I . -25.49 35.67 4.59
O4 SO4 I . -24.15 34.09 3.41
S SO4 J . -4.90 8.33 19.76
O1 SO4 J . -5.68 8.66 20.96
O2 SO4 J . -5.64 7.39 18.94
O3 SO4 J . -4.66 9.56 19.00
O4 SO4 J . -3.62 7.75 20.17
S SO4 K . -7.26 -5.38 43.56
O1 SO4 K . -6.37 -5.81 44.63
O2 SO4 K . -8.03 -6.52 43.07
O3 SO4 K . -8.17 -4.36 44.06
O4 SO4 K . -6.47 -4.82 42.47
C1 PGE L . -11.17 16.08 -15.60
O1 PGE L . -11.57 17.20 -16.41
C2 PGE L . -12.37 15.41 -14.96
O2 PGE L . -12.30 13.99 -15.14
C3 PGE L . -13.43 13.48 -15.86
C4 PGE L . -13.18 12.03 -16.26
O4 PGE L . -13.36 9.24 -19.55
C6 PGE L . -12.43 10.33 -19.46
C5 PGE L . -12.24 10.72 -17.99
O3 PGE L . -13.02 11.88 -17.66
C1 PEG M . -28.48 27.02 -4.43
O1 PEG M . -29.10 28.12 -5.15
C2 PEG M . -28.10 27.51 -3.03
O2 PEG M . -26.73 27.28 -2.73
C3 PEG M . -26.22 28.21 -1.74
C4 PEG M . -25.08 29.05 -2.35
O4 PEG M . -24.46 30.02 -1.47
#